data_3ZS1
#
_entry.id   3ZS1
#
_cell.length_a   93.130
_cell.length_b   63.790
_cell.length_c   111.350
_cell.angle_alpha   90.00
_cell.angle_beta   97.32
_cell.angle_gamma   90.00
#
_symmetry.space_group_name_H-M   'P 1 21 1'
#
loop_
_entity.id
_entity.type
_entity.pdbx_description
1 polymer 'MYELOPEROXIDASE LIGHT CHAIN'
2 polymer 'MYELOPEROXIDASE HEAVY CHAIN'
3 branched beta-D-mannopyranose-(1-4)-2-acetamido-2-deoxy-beta-D-glucopyranose-(1-4)-[alpha-L-fucopyranose-(1-6)]2-acetamido-2-deoxy-beta-D-glucopyranose
4 branched beta-D-mannopyranose-(1-4)-2-acetamido-2-deoxy-beta-D-glucopyranose-(1-4)-2-acetamido-2-deoxy-beta-D-glucopyranose
5 non-polymer 'PROTOPORPHYRIN IX CONTAINING FE'
6 non-polymer 3-(2-METHOXYETHYL)-2-THIOXO-1,2,3,7-TETRAHYDRO-6H-PURIN-6-ONE
7 non-polymer 'SULFATE ION'
8 non-polymer 'CALCIUM ION'
9 non-polymer 'CHLORIDE ION'
10 non-polymer 'ACETATE ION'
11 non-polymer 2-acetamido-2-deoxy-beta-D-glucopyranose
12 water water
#
loop_
_entity_poly.entity_id
_entity_poly.type
_entity_poly.pdbx_seq_one_letter_code
_entity_poly.pdbx_strand_id
1 'polypeptide(L)'
;VTCPEQDKYRTITGMCNNRRSPTLGASNRAFVRWLPAEYEDGFSLPYGWTPGVKRNGFPVALARAVSNEIVRFPTDQLTP
DQERSLMFMQWGQLLDHDLDFTPEPAARASFVTG
;
A,B
2 'polypeptide(L)'
;VNCETSCVQQPPCFPLKIPPNDPRIKNQADCIPFFRS(CSO)PACPGSNITIRNQINALTSFVDASMVYGSEEPLARNLR
NMSNQLGLLAVNQRFQDNGRALLPFDNLHDDPCLLTNRSARIPCFLAGDTRSSEMPELTSMHTLLLREHNRLATELKSLN
PRWDGERLYQEARKIVGAMVQIITYRDYLPLVLGPTAMRKYLPTYRSYNDSVDPRIANVFTNAFRYGHTLIQPFMFRLDN
RYQPMEPNPRVPLSRVFFASWRVVLEGGIDPILRGLMATPAKLNRQNQIAVDEIRERLFEQVMRIGLDLPALNMQRSRDH
GLPGYNAWRRFCGLPQPETVGQLGTVLRNLKLARKLMEQYGTPNNIDIWMGGVSEPLKRKGRVGPLLACIIGTQFRKLRD
GDRFWWENEGVFSMQQRQALAQISLPRIICDNTGITTVSKNNIFMSNSYPRDFVNCSTLPALNLASWREAS
;
C,D
#
# COMPACT_ATOMS: atom_id res chain seq x y z
N CYS A 3 9.21 -21.36 -5.39
CA CYS A 3 9.61 -21.62 -3.97
C CYS A 3 9.69 -23.12 -3.71
N PRO A 4 10.88 -23.63 -3.32
CA PRO A 4 11.08 -25.04 -2.96
C PRO A 4 9.86 -25.64 -2.27
N GLU A 5 9.28 -26.66 -2.91
CA GLU A 5 8.00 -27.24 -2.51
C GLU A 5 7.97 -27.76 -1.06
N GLN A 6 9.15 -28.08 -0.52
CA GLN A 6 9.29 -28.46 0.88
C GLN A 6 10.61 -27.93 1.46
N ASP A 7 10.50 -27.22 2.57
CA ASP A 7 11.65 -26.59 3.23
C ASP A 7 11.53 -26.73 4.74
N LYS A 8 12.61 -27.21 5.35
CA LYS A 8 12.64 -27.40 6.80
C LYS A 8 13.02 -26.12 7.52
N TYR A 9 13.67 -25.20 6.81
CA TYR A 9 14.26 -23.99 7.39
C TYR A 9 13.97 -22.72 6.63
N ARG A 10 14.03 -21.61 7.37
CA ARG A 10 13.88 -20.29 6.82
C ARG A 10 15.05 -19.97 5.90
N THR A 11 14.78 -19.18 4.86
CA THR A 11 15.83 -18.55 4.09
C THR A 11 16.46 -17.43 4.92
N ILE A 12 17.67 -16.99 4.55
CA ILE A 12 18.32 -15.89 5.25
C ILE A 12 17.60 -14.54 5.01
N THR A 13 17.26 -14.27 3.74
CA THR A 13 16.60 -13.03 3.34
C THR A 13 15.12 -12.91 3.78
N GLY A 14 14.45 -14.04 4.06
CA GLY A 14 13.02 -14.05 4.34
C GLY A 14 12.19 -14.43 3.11
N MET A 15 12.83 -14.47 1.95
CA MET A 15 12.22 -14.90 0.71
C MET A 15 11.47 -16.23 0.95
N CYS A 16 10.34 -16.42 0.27
CA CYS A 16 9.58 -17.69 0.27
C CYS A 16 8.91 -18.14 1.59
N ASN A 17 8.93 -17.30 2.63
CA ASN A 17 8.12 -17.54 3.83
C ASN A 17 6.64 -17.56 3.43
N ASN A 18 6.19 -16.49 2.79
CA ASN A 18 4.88 -16.47 2.18
C ASN A 18 5.03 -17.00 0.76
N ARG A 19 4.32 -18.07 0.45
CA ARG A 19 4.44 -18.79 -0.82
C ARG A 19 3.79 -18.05 -2.00
N ARG A 20 2.67 -17.37 -1.75
CA ARG A 20 1.94 -16.62 -2.79
C ARG A 20 2.64 -15.31 -3.19
N SER A 21 3.25 -14.65 -2.21
CA SER A 21 3.94 -13.38 -2.42
C SER A 21 5.28 -13.47 -1.67
N PRO A 22 6.28 -14.15 -2.29
CA PRO A 22 7.52 -14.51 -1.60
C PRO A 22 8.46 -13.40 -1.08
N THR A 23 8.21 -12.13 -1.39
CA THR A 23 9.04 -11.04 -0.83
C THR A 23 8.51 -10.53 0.52
N LEU A 24 7.27 -10.83 0.85
CA LEU A 24 6.68 -10.34 2.11
C LEU A 24 7.51 -10.76 3.33
N GLY A 25 8.07 -9.76 4.02
CA GLY A 25 8.90 -10.02 5.18
C GLY A 25 10.35 -10.25 4.85
N ALA A 26 10.65 -10.37 3.56
CA ALA A 26 12.02 -10.50 3.08
C ALA A 26 12.75 -9.16 3.19
N SER A 27 14.07 -9.21 3.28
CA SER A 27 14.91 -8.04 3.44
C SER A 27 15.05 -7.19 2.18
N ASN A 28 15.49 -5.95 2.37
CA ASN A 28 15.68 -4.99 1.27
C ASN A 28 14.45 -4.81 0.38
N ARG A 29 13.32 -4.65 1.05
CA ARG A 29 12.03 -4.37 0.44
C ARG A 29 11.41 -3.18 1.14
N ALA A 30 10.52 -2.47 0.46
CA ALA A 30 9.86 -1.30 1.03
C ALA A 30 8.99 -1.68 2.21
N PHE A 31 8.96 -0.81 3.23
CA PHE A 31 7.98 -0.93 4.30
C PHE A 31 6.57 -0.90 3.69
N VAL A 32 5.61 -1.58 4.34
CA VAL A 32 4.21 -1.42 3.99
C VAL A 32 3.71 -0.14 4.63
N ARG A 33 2.69 0.51 4.03
CA ARG A 33 2.03 1.68 4.64
C ARG A 33 0.63 1.29 5.12
N TRP A 34 0.37 1.49 6.42
CA TRP A 34 -0.98 1.37 6.98
C TRP A 34 -1.81 2.62 6.69
N LEU A 35 -1.14 3.76 6.50
CA LEU A 35 -1.79 5.00 6.09
C LEU A 35 -1.02 5.67 4.95
N PRO A 36 -1.73 6.35 4.03
CA PRO A 36 -1.00 7.04 2.95
C PRO A 36 -0.06 8.12 3.52
N ALA A 37 1.14 8.21 2.93
CA ALA A 37 2.16 9.20 3.32
C ALA A 37 1.70 10.64 3.23
N GLU A 38 2.26 11.48 4.09
CA GLU A 38 1.97 12.92 4.13
C GLU A 38 3.25 13.73 4.00
N TYR A 39 3.43 14.32 2.82
CA TYR A 39 4.59 15.13 2.48
C TYR A 39 4.18 16.54 2.08
N GLU A 40 5.13 17.46 2.20
CA GLU A 40 4.99 18.86 1.86
C GLU A 40 4.51 19.05 0.43
N ASP A 41 5.14 18.36 -0.52
CA ASP A 41 4.76 18.39 -1.93
C ASP A 41 3.79 17.27 -2.26
N GLY A 42 3.52 16.44 -1.25
CA GLY A 42 2.60 15.33 -1.39
C GLY A 42 3.22 14.00 -1.74
N PHE A 43 4.48 14.02 -2.19
CA PHE A 43 5.17 12.81 -2.69
C PHE A 43 6.61 12.55 -2.22
N SER A 44 7.34 13.56 -1.75
CA SER A 44 8.75 13.34 -1.35
C SER A 44 9.38 14.26 -0.30
N LEU A 45 9.06 15.56 -0.33
CA LEU A 45 9.67 16.53 0.58
C LEU A 45 9.04 16.43 1.96
N PRO A 46 9.86 16.42 3.02
CA PRO A 46 9.33 16.29 4.37
C PRO A 46 8.77 17.61 4.89
N TYR A 47 7.83 17.56 5.81
CA TYR A 47 7.32 18.77 6.45
C TYR A 47 8.41 19.40 7.31
N GLY A 48 8.68 20.67 7.08
CA GLY A 48 9.78 21.38 7.73
C GLY A 48 10.83 21.84 6.72
N TRP A 49 10.76 21.29 5.52
CA TRP A 49 11.74 21.54 4.46
C TRP A 49 11.76 22.99 4.00
N THR A 50 10.71 23.38 3.26
CA THR A 50 10.57 24.73 2.70
C THR A 50 10.11 25.75 3.76
N PRO A 51 10.89 26.83 3.97
CA PRO A 51 10.50 27.89 4.90
C PRO A 51 9.15 28.51 4.53
N GLY A 52 8.34 28.81 5.54
CA GLY A 52 7.03 29.43 5.32
C GLY A 52 5.91 28.46 4.99
N VAL A 53 6.23 27.20 4.68
CA VAL A 53 5.21 26.21 4.34
C VAL A 53 4.64 25.55 5.59
N LYS A 54 3.35 25.82 5.80
CA LYS A 54 2.59 25.30 6.93
C LYS A 54 2.12 23.85 6.73
N ARG A 55 1.62 23.25 7.81
CA ARG A 55 0.99 21.95 7.78
C ARG A 55 -0.39 22.15 8.42
N ASN A 56 -1.46 21.90 7.67
CA ASN A 56 -2.84 22.05 8.17
C ASN A 56 -3.08 23.40 8.87
N GLY A 57 -2.64 24.48 8.23
CA GLY A 57 -2.84 25.82 8.78
C GLY A 57 -1.98 26.22 9.98
N PHE A 58 -0.95 25.43 10.30
CA PHE A 58 -0.10 25.72 11.47
C PHE A 58 1.38 25.57 11.17
N PRO A 59 2.23 26.44 11.77
CA PRO A 59 3.65 26.31 11.45
C PRO A 59 4.22 24.98 11.93
N VAL A 60 5.07 24.36 11.09
CA VAL A 60 5.77 23.13 11.45
C VAL A 60 6.65 23.37 12.69
N ALA A 61 6.40 22.64 13.77
CA ALA A 61 7.17 22.82 15.00
C ALA A 61 8.50 22.16 14.85
N LEU A 62 9.58 22.89 15.16
CA LEU A 62 10.93 22.33 15.23
C LEU A 62 10.94 21.18 16.21
N ALA A 63 11.47 20.05 15.75
CA ALA A 63 11.59 18.84 16.56
C ALA A 63 12.40 19.11 17.81
N ARG A 64 13.45 19.92 17.66
CA ARG A 64 14.30 20.36 18.77
C ARG A 64 13.53 21.30 19.72
N ALA A 65 12.63 22.12 19.20
CA ALA A 65 11.82 22.94 20.08
C ALA A 65 10.89 22.05 20.89
N VAL A 66 10.31 21.05 20.21
CA VAL A 66 9.39 20.10 20.87
C VAL A 66 10.10 19.30 21.97
N SER A 67 11.25 18.75 21.63
CA SER A 67 12.12 18.07 22.60
C SER A 67 12.44 19.01 23.78
N ASN A 68 12.85 20.24 23.48
CA ASN A 68 13.19 21.22 24.52
C ASN A 68 12.05 21.55 25.48
N GLU A 69 10.81 21.60 24.97
CA GLU A 69 9.69 22.07 25.77
C GLU A 69 8.90 20.97 26.47
N ILE A 70 8.84 19.79 25.86
CA ILE A 70 8.05 18.66 26.35
C ILE A 70 8.91 17.53 26.98
N VAL A 71 10.07 17.25 26.39
CA VAL A 71 10.82 16.03 26.71
C VAL A 71 11.87 16.28 27.79
N ARG A 72 12.51 17.45 27.72
CA ARG A 72 13.50 17.88 28.69
C ARG A 72 12.91 17.84 30.11
N PHE A 73 13.62 17.16 31.01
CA PHE A 73 13.25 17.13 32.42
C PHE A 73 14.53 17.06 33.27
N PRO A 74 14.47 17.51 34.54
CA PRO A 74 15.68 17.46 35.37
C PRO A 74 16.01 16.03 35.83
N THR A 75 17.19 15.58 35.46
CA THR A 75 17.57 14.18 35.61
C THR A 75 17.50 13.62 37.05
N ASP A 76 17.71 14.46 38.07
CA ASP A 76 17.61 13.98 39.44
C ASP A 76 16.19 13.54 39.84
N GLN A 77 15.20 13.95 39.05
CA GLN A 77 13.79 13.60 39.29
C GLN A 77 13.40 12.24 38.69
N LEU A 78 14.35 11.59 38.00
CA LEU A 78 14.12 10.30 37.37
C LEU A 78 13.40 9.34 38.30
N THR A 79 12.36 8.68 37.80
CA THR A 79 11.61 7.70 38.58
C THR A 79 11.95 6.29 38.11
N PRO A 80 12.65 5.53 38.98
CA PRO A 80 12.90 4.13 38.62
C PRO A 80 11.59 3.35 38.62
N ASP A 81 11.43 2.50 37.61
CA ASP A 81 10.26 1.67 37.46
C ASP A 81 10.39 0.54 38.45
N GLN A 82 9.50 0.53 39.45
CA GLN A 82 9.51 -0.46 40.52
C GLN A 82 9.08 -1.84 40.04
N GLU A 83 8.49 -1.92 38.83
CA GLU A 83 7.98 -3.17 38.27
C GLU A 83 8.62 -3.59 36.91
N ARG A 84 9.70 -2.92 36.47
CA ARG A 84 10.41 -3.35 35.25
C ARG A 84 11.91 -3.24 35.43
N SER A 85 12.62 -4.22 34.89
CA SER A 85 14.08 -4.20 34.92
C SER A 85 14.64 -3.50 33.68
N LEU A 86 15.87 -3.02 33.79
CA LEU A 86 16.56 -2.42 32.67
C LEU A 86 16.70 -3.43 31.52
N MET A 87 16.59 -4.72 31.84
CA MET A 87 16.63 -5.79 30.85
C MET A 87 15.39 -5.72 29.98
N PHE A 88 14.30 -5.19 30.53
CA PHE A 88 13.06 -4.94 29.78
C PHE A 88 13.32 -3.91 28.68
N MET A 89 14.13 -2.90 28.98
CA MET A 89 14.56 -1.91 28.00
C MET A 89 15.43 -2.60 26.96
N GLN A 90 16.44 -3.34 27.42
CA GLN A 90 17.44 -3.90 26.51
C GLN A 90 16.88 -4.91 25.52
N TRP A 91 15.93 -5.75 25.96
CA TRP A 91 15.26 -6.69 25.06
C TRP A 91 14.49 -5.97 23.93
N GLY A 92 13.85 -4.85 24.28
CA GLY A 92 13.12 -4.05 23.32
C GLY A 92 13.98 -3.65 22.12
N GLN A 93 15.19 -3.18 22.39
CA GLN A 93 16.10 -2.73 21.33
C GLN A 93 16.64 -3.93 20.54
N LEU A 94 17.01 -4.98 21.25
CA LEU A 94 17.45 -6.23 20.63
C LEU A 94 16.38 -6.72 19.64
N LEU A 95 15.17 -6.89 20.14
CA LEU A 95 14.02 -7.27 19.32
C LEU A 95 13.87 -6.31 18.14
N ASP A 96 13.86 -5.01 18.41
CA ASP A 96 13.77 -3.99 17.35
C ASP A 96 14.75 -4.31 16.21
N HIS A 97 15.98 -4.68 16.57
CA HIS A 97 17.03 -4.97 15.59
C HIS A 97 16.88 -6.34 14.85
N ASP A 98 15.84 -7.09 15.20
CA ASP A 98 15.42 -8.32 14.51
C ASP A 98 14.42 -7.92 13.42
N LEU A 99 13.79 -6.78 13.64
CA LEU A 99 12.59 -6.40 12.88
C LEU A 99 12.85 -5.35 11.81
N ASP A 100 13.53 -4.26 12.17
CA ASP A 100 13.74 -3.17 11.22
C ASP A 100 15.06 -2.42 11.35
N PHE A 101 15.67 -2.17 10.19
CA PHE A 101 16.76 -1.23 10.05
C PHE A 101 16.45 -0.44 8.80
N THR A 102 16.46 0.88 8.92
CA THR A 102 16.12 1.75 7.80
C THR A 102 17.39 2.40 7.26
N PRO A 103 17.91 1.86 6.14
CA PRO A 103 19.20 2.31 5.66
C PRO A 103 19.22 3.79 5.30
N GLU A 104 20.41 4.39 5.36
CA GLU A 104 20.65 5.79 5.07
C GLU A 104 21.93 5.85 4.25
N PRO A 105 22.16 6.96 3.49
CA PRO A 105 23.43 7.06 2.78
C PRO A 105 24.58 7.22 3.76
N ALA A 106 25.75 6.70 3.39
CA ALA A 106 26.97 6.84 4.19
C ALA A 106 27.57 8.25 4.07
N CYS B 3 -0.75 23.54 -1.64
CA CYS B 3 -2.22 23.71 -1.87
C CYS B 3 -2.72 25.02 -1.31
N PRO B 4 -3.45 25.81 -2.13
CA PRO B 4 -4.07 27.03 -1.59
C PRO B 4 -5.07 26.74 -0.47
N GLU B 5 -5.30 27.72 0.39
CA GLU B 5 -6.32 27.66 1.46
C GLU B 5 -7.75 27.58 0.90
N GLN B 6 -7.94 28.12 -0.29
CA GLN B 6 -9.24 28.19 -0.93
C GLN B 6 -9.15 27.87 -2.41
N ASP B 7 -10.20 27.21 -2.89
CA ASP B 7 -10.33 26.76 -4.27
C ASP B 7 -11.78 26.34 -4.47
N LYS B 8 -12.46 26.94 -5.43
CA LYS B 8 -13.84 26.60 -5.72
C LYS B 8 -13.89 25.49 -6.77
N TYR B 9 -12.81 25.37 -7.55
CA TYR B 9 -12.74 24.41 -8.65
C TYR B 9 -11.64 23.37 -8.46
N ARG B 10 -11.84 22.20 -9.07
CA ARG B 10 -10.82 21.17 -9.08
C ARG B 10 -9.65 21.60 -9.96
N THR B 11 -8.46 21.12 -9.61
CA THR B 11 -7.31 21.17 -10.48
C THR B 11 -7.52 20.09 -11.56
N ILE B 12 -6.88 20.28 -12.70
CA ILE B 12 -6.95 19.33 -13.83
C ILE B 12 -6.32 17.97 -13.46
N THR B 13 -5.15 18.02 -12.82
CA THR B 13 -4.39 16.84 -12.41
C THR B 13 -5.07 16.07 -11.27
N GLY B 14 -5.89 16.75 -10.48
CA GLY B 14 -6.53 16.13 -9.34
C GLY B 14 -5.77 16.35 -8.04
N MET B 15 -4.55 16.85 -8.17
CA MET B 15 -3.67 17.27 -7.08
C MET B 15 -4.44 18.22 -6.14
N CYS B 16 -4.15 18.11 -4.85
CA CYS B 16 -4.74 18.98 -3.81
C CYS B 16 -6.19 18.71 -3.41
N ASN B 17 -6.84 17.69 -4.00
CA ASN B 17 -8.19 17.26 -3.60
C ASN B 17 -8.17 16.80 -2.14
N ASN B 18 -7.26 15.88 -1.83
CA ASN B 18 -6.94 15.58 -0.45
C ASN B 18 -5.85 16.53 -0.02
N ARG B 19 -6.12 17.30 1.03
CA ARG B 19 -5.18 18.32 1.49
C ARG B 19 -4.06 17.75 2.36
N ARG B 20 -4.31 16.58 2.96
CA ARG B 20 -3.32 15.89 3.78
C ARG B 20 -2.37 15.04 2.93
N SER B 21 -2.90 14.48 1.84
CA SER B 21 -2.10 13.77 0.85
C SER B 21 -2.47 14.21 -0.56
N PRO B 22 -1.91 15.35 -1.00
CA PRO B 22 -2.38 16.01 -2.24
C PRO B 22 -2.25 15.26 -3.58
N THR B 23 -1.54 14.13 -3.64
CA THR B 23 -1.48 13.33 -4.90
C THR B 23 -2.55 12.25 -4.99
N LEU B 24 -3.21 11.97 -3.86
CA LEU B 24 -4.24 10.92 -3.82
C LEU B 24 -5.38 11.25 -4.75
N GLY B 25 -5.52 10.43 -5.78
CA GLY B 25 -6.55 10.61 -6.77
C GLY B 25 -6.05 11.35 -7.99
N ALA B 26 -4.93 12.04 -7.83
CA ALA B 26 -4.28 12.74 -8.93
C ALA B 26 -3.79 11.80 -10.02
N SER B 27 -3.67 12.32 -11.22
CA SER B 27 -3.20 11.60 -12.40
C SER B 27 -1.70 11.31 -12.37
N ASN B 28 -1.29 10.29 -13.13
CA ASN B 28 0.13 9.88 -13.24
C ASN B 28 0.76 9.46 -11.90
N ARG B 29 0.03 8.60 -11.19
CA ARG B 29 0.45 8.05 -9.90
C ARG B 29 0.20 6.55 -9.90
N ALA B 30 0.93 5.82 -9.07
CA ALA B 30 0.73 4.37 -8.98
C ALA B 30 -0.64 4.07 -8.37
N PHE B 31 -1.33 3.04 -8.88
CA PHE B 31 -2.60 2.58 -8.30
C PHE B 31 -2.35 2.17 -6.86
N VAL B 32 -3.39 2.24 -6.03
CA VAL B 32 -3.32 1.64 -4.70
C VAL B 32 -3.53 0.14 -4.87
N ARG B 33 -2.94 -0.65 -3.99
CA ARG B 33 -3.14 -2.08 -4.01
C ARG B 33 -3.94 -2.52 -2.79
N TRP B 34 -5.10 -3.14 -2.99
CA TRP B 34 -5.91 -3.64 -1.89
C TRP B 34 -5.42 -4.98 -1.36
N LEU B 35 -4.70 -5.73 -2.19
CA LEU B 35 -4.00 -6.95 -1.78
C LEU B 35 -2.59 -6.96 -2.33
N PRO B 36 -1.62 -7.53 -1.58
CA PRO B 36 -0.24 -7.62 -2.11
C PRO B 36 -0.14 -8.38 -3.45
N ALA B 37 0.77 -7.92 -4.30
CA ALA B 37 0.98 -8.42 -5.66
C ALA B 37 1.54 -9.84 -5.72
N GLU B 38 1.00 -10.62 -6.65
CA GLU B 38 1.41 -12.00 -6.83
C GLU B 38 2.07 -12.18 -8.20
N TYR B 39 3.40 -12.20 -8.18
CA TYR B 39 4.20 -12.38 -9.38
C TYR B 39 4.92 -13.70 -9.31
N GLU B 40 5.31 -14.20 -10.49
CA GLU B 40 6.03 -15.46 -10.64
C GLU B 40 7.37 -15.47 -9.87
N ASP B 41 8.07 -14.34 -9.88
CA ASP B 41 9.27 -14.15 -9.07
C ASP B 41 8.98 -13.33 -7.80
N GLY B 42 7.70 -13.04 -7.55
CA GLY B 42 7.27 -12.32 -6.35
C GLY B 42 7.39 -10.80 -6.34
N PHE B 43 7.96 -10.23 -7.41
CA PHE B 43 8.16 -8.77 -7.48
C PHE B 43 8.02 -8.13 -8.86
N SER B 44 8.08 -8.92 -9.93
CA SER B 44 8.06 -8.35 -11.30
C SER B 44 7.50 -9.23 -12.43
N LEU B 45 7.94 -10.48 -12.50
CA LEU B 45 7.62 -11.36 -13.64
C LEU B 45 6.22 -11.94 -13.53
N PRO B 46 5.44 -11.90 -14.61
CA PRO B 46 4.04 -12.36 -14.51
C PRO B 46 3.91 -13.88 -14.58
N TYR B 47 2.84 -14.42 -14.01
CA TYR B 47 2.55 -15.83 -14.13
C TYR B 47 2.35 -16.21 -15.59
N GLY B 48 2.97 -17.32 -15.99
CA GLY B 48 3.00 -17.74 -17.38
C GLY B 48 4.17 -17.20 -18.19
N TRP B 49 5.12 -16.52 -17.54
CA TRP B 49 6.31 -16.00 -18.21
C TRP B 49 7.39 -17.08 -18.45
N THR B 50 7.73 -17.82 -17.40
CA THR B 50 8.77 -18.85 -17.48
C THR B 50 8.16 -20.24 -17.70
N PRO B 51 8.47 -20.89 -18.85
CA PRO B 51 7.94 -22.23 -19.17
C PRO B 51 8.14 -23.26 -18.05
N GLY B 52 7.07 -23.97 -17.70
CA GLY B 52 7.13 -25.00 -16.66
C GLY B 52 6.94 -24.53 -15.22
N VAL B 53 7.09 -23.23 -14.97
CA VAL B 53 6.92 -22.68 -13.61
C VAL B 53 5.43 -22.54 -13.22
N LYS B 54 4.99 -23.42 -12.32
CA LYS B 54 3.59 -23.51 -11.88
C LYS B 54 3.15 -22.39 -10.92
N ARG B 55 1.85 -22.11 -10.88
CA ARG B 55 1.27 -21.17 -9.92
C ARG B 55 0.48 -21.94 -8.88
N ASN B 56 0.78 -21.71 -7.60
CA ASN B 56 0.11 -22.39 -6.49
C ASN B 56 0.01 -23.89 -6.75
N GLY B 57 1.10 -24.47 -7.25
CA GLY B 57 1.20 -25.92 -7.50
C GLY B 57 0.57 -26.47 -8.76
N PHE B 58 -0.08 -25.62 -9.56
CA PHE B 58 -0.76 -26.05 -10.79
C PHE B 58 -0.28 -25.28 -12.02
N PRO B 59 -0.29 -25.91 -13.21
CA PRO B 59 0.18 -25.22 -14.41
C PRO B 59 -0.68 -24.02 -14.76
N VAL B 60 -0.03 -22.95 -15.21
CA VAL B 60 -0.72 -21.74 -15.62
C VAL B 60 -1.39 -22.02 -16.96
N ALA B 61 -2.69 -21.76 -17.01
CA ALA B 61 -3.47 -21.92 -18.22
C ALA B 61 -3.27 -20.72 -19.12
N LEU B 62 -2.99 -20.98 -20.39
CA LEU B 62 -2.96 -19.95 -21.42
C LEU B 62 -4.27 -19.16 -21.41
N ALA B 63 -4.15 -17.84 -21.43
CA ALA B 63 -5.34 -16.96 -21.44
C ALA B 63 -6.21 -17.28 -22.65
N ARG B 64 -5.58 -17.44 -23.82
CA ARG B 64 -6.29 -17.75 -25.06
C ARG B 64 -7.06 -19.09 -24.99
N ALA B 65 -6.49 -20.09 -24.31
CA ALA B 65 -7.19 -21.36 -24.12
C ALA B 65 -8.36 -21.28 -23.14
N VAL B 66 -8.30 -20.40 -22.14
CA VAL B 66 -9.40 -20.23 -21.18
C VAL B 66 -10.56 -19.55 -21.92
N SER B 67 -10.22 -18.57 -22.74
CA SER B 67 -11.16 -17.87 -23.59
C SER B 67 -11.90 -18.84 -24.52
N ASN B 68 -11.15 -19.69 -25.24
CA ASN B 68 -11.70 -20.69 -26.17
C ASN B 68 -12.66 -21.68 -25.50
N GLU B 69 -12.30 -22.15 -24.31
CA GLU B 69 -13.09 -23.19 -23.65
C GLU B 69 -14.18 -22.70 -22.71
N ILE B 70 -14.12 -21.43 -22.29
CA ILE B 70 -15.09 -20.87 -21.32
C ILE B 70 -15.90 -19.66 -21.83
N VAL B 71 -15.22 -18.75 -22.55
CA VAL B 71 -15.87 -17.52 -23.03
C VAL B 71 -16.60 -17.76 -24.35
N ARG B 72 -15.92 -18.43 -25.29
CA ARG B 72 -16.48 -18.73 -26.60
C ARG B 72 -17.88 -19.36 -26.55
N PHE B 73 -18.82 -18.74 -27.25
CA PHE B 73 -20.16 -19.28 -27.44
C PHE B 73 -20.62 -18.89 -28.84
N PRO B 74 -21.55 -19.67 -29.45
CA PRO B 74 -22.04 -19.27 -30.76
C PRO B 74 -22.95 -18.06 -30.61
N THR B 75 -22.73 -17.05 -31.46
CA THR B 75 -23.46 -15.79 -31.36
C THR B 75 -24.97 -15.91 -31.57
N ASP B 76 -25.44 -16.95 -32.26
CA ASP B 76 -26.89 -17.13 -32.45
C ASP B 76 -27.62 -17.49 -31.14
N GLN B 77 -26.84 -17.89 -30.13
CA GLN B 77 -27.37 -18.20 -28.78
C GLN B 77 -27.53 -16.95 -27.91
N LEU B 78 -27.29 -15.76 -28.48
CA LEU B 78 -27.22 -14.51 -27.70
C LEU B 78 -28.56 -14.08 -27.09
N THR B 79 -28.51 -13.76 -25.80
CA THR B 79 -29.66 -13.32 -25.02
C THR B 79 -29.66 -11.80 -24.86
N PRO B 80 -30.60 -11.09 -25.51
CA PRO B 80 -30.75 -9.66 -25.26
C PRO B 80 -31.25 -9.40 -23.84
N ASP B 81 -30.69 -8.42 -23.14
CA ASP B 81 -31.16 -8.07 -21.81
C ASP B 81 -32.49 -7.33 -21.93
N GLN B 82 -33.55 -7.94 -21.40
CA GLN B 82 -34.88 -7.34 -21.49
C GLN B 82 -35.04 -6.14 -20.55
N GLU B 83 -34.08 -5.97 -19.62
CA GLU B 83 -34.14 -4.89 -18.65
C GLU B 83 -32.91 -3.98 -18.59
N ARG B 84 -32.03 -4.07 -19.60
CA ARG B 84 -30.94 -3.12 -19.78
C ARG B 84 -30.83 -2.69 -21.24
N SER B 85 -30.52 -1.42 -21.46
CA SER B 85 -30.26 -0.91 -22.81
C SER B 85 -28.77 -0.94 -23.13
N LEU B 86 -28.43 -0.84 -24.42
CA LEU B 86 -27.04 -0.75 -24.85
C LEU B 86 -26.33 0.46 -24.24
N MET B 87 -27.11 1.49 -23.89
CA MET B 87 -26.62 2.67 -23.17
C MET B 87 -26.07 2.32 -21.79
N PHE B 88 -26.55 1.22 -21.21
CA PHE B 88 -26.02 0.71 -19.93
C PHE B 88 -24.57 0.27 -20.11
N MET B 89 -24.30 -0.39 -21.25
CA MET B 89 -22.94 -0.78 -21.62
C MET B 89 -22.09 0.47 -21.81
N GLN B 90 -22.61 1.43 -22.58
CA GLN B 90 -21.83 2.59 -23.02
C GLN B 90 -21.49 3.59 -21.91
N TRP B 91 -22.37 3.75 -20.92
CA TRP B 91 -22.06 4.63 -19.80
C TRP B 91 -20.93 4.02 -19.00
N GLY B 92 -20.96 2.70 -18.88
CA GLY B 92 -19.91 1.95 -18.20
C GLY B 92 -18.53 2.23 -18.78
N GLN B 93 -18.42 2.25 -20.11
CA GLN B 93 -17.14 2.51 -20.74
C GLN B 93 -16.75 3.97 -20.58
N LEU B 94 -17.69 4.87 -20.84
CA LEU B 94 -17.45 6.30 -20.64
C LEU B 94 -16.94 6.59 -19.22
N LEU B 95 -17.60 5.99 -18.24
CA LEU B 95 -17.27 6.17 -16.83
C LEU B 95 -15.86 5.63 -16.51
N ASP B 96 -15.57 4.42 -16.97
CA ASP B 96 -14.26 3.80 -16.84
C ASP B 96 -13.16 4.76 -17.31
N HIS B 97 -13.43 5.44 -18.42
CA HIS B 97 -12.46 6.39 -19.02
C HIS B 97 -12.35 7.74 -18.27
N ASP B 98 -13.22 7.92 -17.28
CA ASP B 98 -13.13 9.03 -16.35
C ASP B 98 -12.28 8.58 -15.18
N LEU B 99 -12.17 7.27 -14.99
CA LEU B 99 -11.50 6.71 -13.80
C LEU B 99 -10.08 6.20 -14.01
N ASP B 100 -9.85 5.39 -15.03
CA ASP B 100 -8.51 4.84 -15.23
C ASP B 100 -8.10 4.57 -16.69
N PHE B 101 -6.84 4.85 -16.95
CA PHE B 101 -6.16 4.44 -18.14
C PHE B 101 -4.78 4.03 -17.66
N THR B 102 -4.37 2.82 -18.03
CA THR B 102 -3.09 2.22 -17.61
C THR B 102 -2.10 2.25 -18.78
N PRO B 103 -1.12 3.19 -18.73
CA PRO B 103 -0.22 3.37 -19.88
C PRO B 103 0.73 2.20 -20.16
N GLU B 104 1.08 2.07 -21.44
CA GLU B 104 1.99 1.06 -21.94
C GLU B 104 3.04 1.77 -22.77
N PRO B 105 4.20 1.15 -23.03
CA PRO B 105 5.16 1.79 -23.93
C PRO B 105 4.66 1.79 -25.37
N ALA B 106 4.84 2.90 -26.09
CA ALA B 106 4.38 2.98 -27.50
C ALA B 106 5.14 2.03 -28.45
N VAL C 1 27.89 17.16 -0.02
CA VAL C 1 26.77 17.15 0.96
C VAL C 1 26.95 16.12 2.08
N ASN C 2 27.96 16.36 2.93
CA ASN C 2 28.14 15.54 4.13
C ASN C 2 27.22 16.05 5.23
N CYS C 3 26.24 15.24 5.63
CA CYS C 3 25.24 15.66 6.61
C CYS C 3 25.82 15.71 8.02
N GLU C 4 27.02 15.19 8.19
CA GLU C 4 27.65 15.14 9.51
C GLU C 4 28.50 16.36 9.76
N THR C 5 28.96 17.00 8.69
CA THR C 5 29.88 18.15 8.76
C THR C 5 29.27 19.52 8.43
N SER C 6 28.19 19.56 7.64
CA SER C 6 27.55 20.85 7.33
C SER C 6 26.07 20.90 7.75
N CYS C 7 25.47 22.09 7.63
CA CYS C 7 24.05 22.33 7.93
C CYS C 7 23.28 22.73 6.68
N VAL C 8 23.91 22.54 5.53
CA VAL C 8 23.29 22.84 4.26
C VAL C 8 22.15 21.84 3.99
N GLN C 9 20.97 22.38 3.75
CA GLN C 9 19.81 21.58 3.40
C GLN C 9 19.79 21.28 1.89
N GLN C 10 20.52 20.23 1.51
CA GLN C 10 20.51 19.67 0.17
C GLN C 10 20.57 18.15 0.31
N PRO C 11 19.99 17.40 -0.65
CA PRO C 11 20.02 15.94 -0.57
C PRO C 11 21.40 15.36 -0.27
N PRO C 12 21.47 14.31 0.55
CA PRO C 12 20.37 13.59 1.17
C PRO C 12 20.12 14.07 2.61
N CYS C 13 20.44 15.33 2.87
CA CYS C 13 20.37 15.87 4.22
C CYS C 13 19.06 16.59 4.52
N PHE C 14 18.64 16.49 5.79
CA PHE C 14 17.48 17.21 6.32
C PHE C 14 17.79 17.58 7.78
N PRO C 15 18.77 18.50 8.00
CA PRO C 15 19.22 18.83 9.35
C PRO C 15 18.14 19.47 10.22
N LEU C 16 18.28 19.29 11.53
CA LEU C 16 17.34 19.86 12.46
C LEU C 16 17.75 21.28 12.84
N LYS C 17 16.88 22.23 12.52
CA LYS C 17 17.11 23.63 12.82
C LYS C 17 17.09 23.85 14.33
N ILE C 18 17.80 24.86 14.77
CA ILE C 18 17.92 25.16 16.20
C ILE C 18 16.98 26.30 16.58
N PRO C 19 16.15 26.09 17.63
CA PRO C 19 15.19 27.11 18.07
C PRO C 19 15.87 28.30 18.77
N PRO C 20 15.19 29.45 18.86
CA PRO C 20 15.81 30.54 19.62
C PRO C 20 15.95 30.15 21.09
N ASN C 21 17.06 30.54 21.70
CA ASN C 21 17.32 30.35 23.13
C ASN C 21 17.30 28.87 23.57
N ASP C 22 18.08 28.07 22.84
CA ASP C 22 18.23 26.65 23.07
C ASP C 22 19.13 26.45 24.30
N PRO C 23 18.88 25.40 25.10
CA PRO C 23 19.71 25.28 26.31
C PRO C 23 21.13 24.77 26.07
N ARG C 24 21.50 24.51 24.81
CA ARG C 24 22.83 23.99 24.48
C ARG C 24 23.44 24.62 23.22
N ILE C 25 22.68 24.66 22.13
CA ILE C 25 23.19 25.19 20.88
C ILE C 25 22.83 26.68 20.73
N LYS C 26 23.81 27.54 21.03
CA LYS C 26 23.60 28.98 21.04
C LYS C 26 23.51 29.65 19.66
N ASN C 27 24.18 29.07 18.66
CA ASN C 27 24.08 29.58 17.28
C ASN C 27 22.89 28.97 16.49
N GLN C 28 21.91 29.82 16.18
CA GLN C 28 20.68 29.45 15.42
C GLN C 28 20.93 29.09 13.95
N ALA C 29 22.19 29.24 13.50
CA ALA C 29 22.63 28.81 12.18
C ALA C 29 23.16 27.36 12.16
N ASP C 30 23.67 26.90 13.31
CA ASP C 30 24.08 25.51 13.57
C ASP C 30 22.84 24.59 13.33
N CYS C 31 22.99 23.29 13.61
CA CYS C 31 21.93 22.33 13.37
C CYS C 31 22.29 21.00 14.02
N ILE C 32 21.36 20.05 14.04
CA ILE C 32 21.68 18.69 14.47
C ILE C 32 21.71 17.82 13.20
N PRO C 33 22.84 17.11 12.95
CA PRO C 33 23.01 16.27 11.75
C PRO C 33 21.82 15.35 11.54
N PHE C 34 21.49 15.08 10.29
CA PHE C 34 20.38 14.17 9.92
C PHE C 34 20.49 13.79 8.46
N PHE C 35 20.59 12.49 8.18
CA PHE C 35 20.52 11.95 6.83
C PHE C 35 19.10 11.46 6.58
N ARG C 36 18.56 11.73 5.40
CA ARG C 36 17.24 11.18 5.07
C ARG C 36 17.39 9.70 4.80
N SER C 37 16.41 8.91 5.23
CA SER C 37 16.36 7.50 4.87
C SER C 37 16.34 7.28 3.35
N PRO C 39 15.38 6.25 -0.26
CA PRO C 39 14.10 5.95 -0.89
C PRO C 39 14.09 4.61 -1.64
N ALA C 40 12.93 3.95 -1.67
CA ALA C 40 12.76 2.68 -2.38
C ALA C 40 12.86 2.87 -3.89
N CYS C 41 12.35 3.99 -4.39
CA CYS C 41 12.46 4.35 -5.79
C CYS C 41 13.22 5.68 -5.98
N PRO C 42 14.56 5.64 -5.99
CA PRO C 42 15.35 6.88 -6.03
C PRO C 42 15.09 7.73 -7.26
N GLY C 43 14.86 9.01 -7.02
CA GLY C 43 14.69 10.00 -8.09
C GLY C 43 13.36 10.02 -8.84
N SER C 44 12.31 9.42 -8.28
CA SER C 44 11.06 9.24 -9.03
C SER C 44 10.12 10.45 -9.00
N ASN C 45 9.50 10.72 -10.14
CA ASN C 45 8.45 11.72 -10.26
C ASN C 45 7.04 11.10 -10.25
N ILE C 46 7.00 9.77 -10.08
CA ILE C 46 5.75 9.02 -10.07
C ILE C 46 5.42 8.48 -8.66
N THR C 47 6.36 7.78 -8.05
CA THR C 47 6.14 7.16 -6.74
C THR C 47 6.02 8.15 -5.58
N ILE C 48 5.26 7.75 -4.57
CA ILE C 48 5.28 8.43 -3.27
C ILE C 48 6.45 7.84 -2.48
N ARG C 49 7.38 8.69 -2.07
CA ARG C 49 8.58 8.25 -1.35
C ARG C 49 8.30 7.31 -0.17
N ASN C 50 8.87 6.11 -0.26
CA ASN C 50 8.82 5.13 0.82
C ASN C 50 10.26 4.68 1.19
N GLN C 51 10.40 4.11 2.39
CA GLN C 51 11.70 3.73 2.90
C GLN C 51 11.86 2.20 2.88
N ILE C 52 13.10 1.73 3.00
CA ILE C 52 13.44 0.30 2.94
C ILE C 52 13.71 -0.32 4.32
N ASN C 53 13.22 -1.54 4.53
CA ASN C 53 13.65 -2.37 5.66
C ASN C 53 14.73 -3.30 5.13
N ALA C 54 15.92 -3.17 5.69
CA ALA C 54 17.07 -4.00 5.31
C ALA C 54 17.04 -5.39 5.96
N LEU C 55 16.20 -5.57 6.98
CA LEU C 55 16.14 -6.81 7.75
C LEU C 55 14.90 -7.61 7.44
N THR C 56 14.89 -8.91 7.80
CA THR C 56 13.66 -9.72 7.72
C THR C 56 12.73 -9.24 8.81
N SER C 57 11.46 -9.08 8.49
CA SER C 57 10.48 -8.58 9.46
C SER C 57 10.21 -9.62 10.54
N PHE C 58 10.38 -10.90 10.17
CA PHE C 58 10.08 -12.01 11.06
C PHE C 58 10.96 -11.99 12.29
N VAL C 59 10.41 -12.46 13.40
CA VAL C 59 11.15 -12.67 14.65
C VAL C 59 11.87 -14.02 14.46
N ASP C 60 13.04 -13.94 13.82
CA ASP C 60 13.76 -15.12 13.36
C ASP C 60 15.23 -15.06 13.78
N ALA C 61 15.53 -14.15 14.71
CA ALA C 61 16.87 -13.96 15.26
C ALA C 61 17.90 -13.52 14.20
N SER C 62 17.42 -12.73 13.23
CA SER C 62 18.28 -12.22 12.16
C SER C 62 19.30 -11.18 12.65
N MET C 63 19.16 -10.71 13.88
CA MET C 63 20.16 -9.83 14.43
C MET C 63 21.39 -10.66 14.81
N VAL C 64 21.21 -11.97 14.83
CA VAL C 64 22.27 -12.92 15.11
C VAL C 64 22.83 -13.49 13.80
N TYR C 65 21.93 -13.91 12.90
CA TYR C 65 22.32 -14.64 11.69
C TYR C 65 22.50 -13.81 10.42
N GLY C 66 21.97 -12.59 10.42
CA GLY C 66 22.05 -11.70 9.26
C GLY C 66 20.83 -11.85 8.37
N SER C 67 20.64 -10.89 7.46
CA SER C 67 19.49 -10.90 6.54
C SER C 67 19.88 -10.88 5.07
N GLU C 68 21.19 -11.03 4.78
CA GLU C 68 21.71 -11.07 3.40
C GLU C 68 22.76 -12.17 3.30
N GLU C 69 22.81 -12.89 2.16
CA GLU C 69 23.56 -14.16 2.05
C GLU C 69 25.08 -14.11 2.24
N PRO C 70 25.75 -12.99 1.82
CA PRO C 70 27.22 -12.91 2.05
C PRO C 70 27.55 -12.77 3.54
N LEU C 71 26.96 -11.77 4.18
CA LEU C 71 27.06 -11.55 5.62
C LEU C 71 26.79 -12.82 6.43
N ALA C 72 25.72 -13.52 6.07
CA ALA C 72 25.26 -14.68 6.81
C ALA C 72 26.31 -15.79 6.78
N ARG C 73 26.97 -15.91 5.64
CA ARG C 73 28.02 -16.88 5.42
C ARG C 73 29.25 -16.49 6.25
N ASN C 74 29.61 -15.20 6.19
CA ASN C 74 30.79 -14.69 6.88
C ASN C 74 30.71 -14.72 8.41
N LEU C 75 29.49 -14.90 8.93
CA LEU C 75 29.25 -14.95 10.37
C LEU C 75 29.46 -16.35 10.91
N ARG C 76 29.47 -17.31 9.99
CA ARG C 76 29.63 -18.73 10.34
C ARG C 76 31.10 -19.18 10.34
N ASN C 77 31.43 -20.10 11.23
CA ASN C 77 32.75 -20.74 11.30
C ASN C 77 32.83 -21.79 10.18
N MET C 78 33.59 -21.48 9.13
CA MET C 78 33.69 -22.38 7.97
C MET C 78 34.95 -23.25 8.02
N SER C 79 35.73 -23.11 9.09
CA SER C 79 36.96 -23.88 9.32
C SER C 79 36.71 -25.35 9.72
N ASN C 80 35.45 -25.70 10.00
CA ASN C 80 35.06 -27.07 10.35
C ASN C 80 33.61 -27.37 10.01
N GLN C 81 33.13 -28.57 10.38
CA GLN C 81 31.74 -28.97 10.09
C GLN C 81 30.86 -29.00 11.35
N LEU C 82 31.15 -28.10 12.29
CA LEU C 82 30.43 -28.06 13.56
C LEU C 82 29.18 -27.14 13.60
N GLY C 83 28.93 -26.44 12.49
CA GLY C 83 27.76 -25.54 12.39
C GLY C 83 27.75 -24.37 13.35
N LEU C 84 28.94 -23.90 13.73
CA LEU C 84 29.09 -22.78 14.68
C LEU C 84 29.17 -21.42 13.99
N LEU C 85 28.88 -20.37 14.74
CA LEU C 85 29.10 -18.99 14.28
C LEU C 85 30.53 -18.63 14.65
N ALA C 86 31.16 -17.80 13.82
CA ALA C 86 32.51 -17.32 14.07
C ALA C 86 32.61 -16.54 15.38
N VAL C 87 33.74 -16.69 16.08
CA VAL C 87 34.00 -15.95 17.31
C VAL C 87 35.24 -15.04 17.17
N ASN C 88 35.44 -14.14 18.14
CA ASN C 88 36.61 -13.26 18.18
C ASN C 88 37.90 -14.09 18.21
N GLN C 89 38.85 -13.72 17.36
CA GLN C 89 40.10 -14.45 17.24
C GLN C 89 41.24 -13.84 18.07
N ARG C 90 41.00 -12.66 18.64
CA ARG C 90 41.98 -11.92 19.43
C ARG C 90 41.68 -11.91 20.93
N PHE C 91 40.41 -12.00 21.30
CA PHE C 91 39.99 -11.84 22.69
C PHE C 91 38.94 -12.86 23.09
N GLN C 92 38.83 -13.07 24.41
CA GLN C 92 37.87 -13.98 25.04
C GLN C 92 37.43 -13.37 26.36
N ASP C 93 36.27 -13.77 26.87
CA ASP C 93 35.66 -13.17 28.06
C ASP C 93 35.68 -14.23 29.17
N ASN C 94 36.77 -14.23 29.94
CA ASN C 94 37.07 -15.31 30.88
C ASN C 94 36.81 -16.71 30.27
N GLY C 95 37.53 -17.00 29.19
CA GLY C 95 37.40 -18.28 28.51
C GLY C 95 36.25 -18.37 27.52
N ARG C 96 35.23 -17.53 27.72
CA ARG C 96 34.02 -17.58 26.90
C ARG C 96 34.13 -16.69 25.65
N ALA C 97 33.34 -17.01 24.63
CA ALA C 97 33.42 -16.36 23.33
C ALA C 97 32.94 -14.89 23.32
N LEU C 98 33.46 -14.12 22.37
CA LEU C 98 33.00 -12.77 22.07
C LEU C 98 32.68 -12.65 20.56
N LEU C 99 31.86 -11.67 20.19
CA LEU C 99 31.56 -11.42 18.78
C LEU C 99 32.83 -11.07 18.01
N PRO C 100 32.96 -11.53 16.75
CA PRO C 100 34.15 -11.13 15.96
C PRO C 100 34.18 -9.62 15.75
N PHE C 101 35.35 -9.09 15.38
CA PHE C 101 35.47 -7.69 15.00
C PHE C 101 35.06 -7.42 13.54
N ASP C 102 34.61 -6.20 13.28
CA ASP C 102 34.21 -5.75 11.95
C ASP C 102 35.42 -5.04 11.34
N ASN C 103 35.49 -4.97 10.01
CA ASN C 103 36.48 -4.13 9.32
C ASN C 103 35.81 -2.99 8.59
N LEU C 104 35.38 -1.97 9.34
CA LEU C 104 34.67 -0.82 8.77
C LEU C 104 35.60 0.25 8.20
N HIS C 105 35.05 1.08 7.30
CA HIS C 105 35.75 2.25 6.75
C HIS C 105 35.96 3.28 7.89
N ASP C 106 34.89 3.99 8.26
CA ASP C 106 34.96 4.94 9.39
C ASP C 106 34.36 4.27 10.64
N ASP C 107 35.22 3.54 11.36
CA ASP C 107 34.85 2.74 12.51
C ASP C 107 34.66 3.64 13.74
N PRO C 108 33.40 3.82 14.20
CA PRO C 108 33.17 4.75 15.30
C PRO C 108 33.65 4.22 16.63
N CYS C 109 33.73 2.92 16.79
CA CYS C 109 34.16 2.34 18.06
C CYS C 109 35.60 2.74 18.43
N LEU C 110 36.43 3.04 17.43
CA LEU C 110 37.81 3.48 17.67
C LEU C 110 37.92 4.91 18.21
N LEU C 111 36.86 5.71 18.06
CA LEU C 111 36.83 7.10 18.54
C LEU C 111 36.47 7.21 20.03
N THR C 112 35.88 6.16 20.58
CA THR C 112 35.40 6.17 21.97
C THR C 112 36.52 6.09 23.01
N ASN C 113 37.62 5.43 22.65
CA ASN C 113 38.86 5.41 23.42
C ASN C 113 39.91 5.09 22.40
N ARG C 114 40.60 6.12 21.92
CA ARG C 114 41.52 6.01 20.78
C ARG C 114 42.69 5.09 21.06
N SER C 115 43.22 5.14 22.28
CA SER C 115 44.38 4.34 22.68
C SER C 115 44.09 2.83 22.82
N ALA C 116 42.85 2.47 23.18
CA ALA C 116 42.43 1.06 23.31
C ALA C 116 42.48 0.31 21.99
N ARG C 117 42.18 1.03 20.90
CA ARG C 117 42.18 0.49 19.53
C ARG C 117 41.35 -0.81 19.37
N ILE C 118 40.14 -0.77 19.92
CA ILE C 118 39.16 -1.85 19.86
C ILE C 118 38.00 -1.53 18.89
N PRO C 119 37.95 -2.18 17.71
CA PRO C 119 36.92 -1.86 16.72
C PRO C 119 35.53 -2.39 17.06
N CYS C 120 34.56 -2.03 16.23
CA CYS C 120 33.18 -2.50 16.38
C CYS C 120 33.06 -4.01 16.08
N PHE C 121 32.04 -4.63 16.68
CA PHE C 121 31.79 -6.06 16.53
C PHE C 121 30.96 -6.37 15.29
N LEU C 122 31.13 -7.58 14.75
CA LEU C 122 30.34 -8.06 13.62
C LEU C 122 29.23 -8.97 14.14
N ALA C 123 27.99 -8.70 13.72
CA ALA C 123 26.85 -9.50 14.12
C ALA C 123 25.83 -9.46 13.00
N GLY C 124 24.73 -10.21 13.16
CA GLY C 124 23.66 -10.24 12.17
C GLY C 124 23.07 -8.88 11.82
N ASP C 125 23.11 -7.96 12.77
CA ASP C 125 22.64 -6.59 12.56
C ASP C 125 23.81 -5.63 12.80
N THR C 126 23.89 -4.56 12.02
CA THR C 126 25.00 -3.60 12.10
C THR C 126 25.11 -2.79 13.39
N ARG C 127 24.11 -2.82 14.26
CA ARG C 127 24.12 -1.91 15.41
C ARG C 127 24.62 -2.55 16.71
N SER C 128 25.14 -3.77 16.62
CA SER C 128 25.46 -4.58 17.80
C SER C 128 26.36 -3.90 18.82
N SER C 129 27.20 -2.98 18.35
CA SER C 129 28.11 -2.25 19.22
C SER C 129 27.53 -0.95 19.79
N GLU C 130 26.30 -0.59 19.42
CA GLU C 130 25.71 0.73 19.77
C GLU C 130 25.75 1.07 21.26
N MET C 131 25.53 0.08 22.13
CA MET C 131 25.73 0.23 23.58
C MET C 131 26.15 -1.15 24.11
N PRO C 132 27.06 -1.18 25.11
CA PRO C 132 27.60 -2.48 25.55
C PRO C 132 26.56 -3.44 26.09
N GLU C 133 25.46 -2.89 26.62
CA GLU C 133 24.33 -3.69 27.09
C GLU C 133 23.71 -4.52 25.94
N LEU C 134 23.66 -3.92 24.74
CA LEU C 134 23.17 -4.56 23.53
C LEU C 134 24.16 -5.59 23.00
N THR C 135 25.46 -5.26 23.06
CA THR C 135 26.54 -6.18 22.70
C THR C 135 26.51 -7.43 23.60
N SER C 136 26.23 -7.24 24.88
CA SER C 136 26.11 -8.33 25.82
C SER C 136 25.05 -9.32 25.35
N MET C 137 23.88 -8.82 24.95
CA MET C 137 22.78 -9.66 24.45
C MET C 137 23.18 -10.36 23.14
N HIS C 138 23.85 -9.63 22.25
CA HIS C 138 24.29 -10.21 20.99
C HIS C 138 25.23 -11.39 21.25
N THR C 139 26.15 -11.18 22.20
CA THR C 139 27.15 -12.17 22.57
C THR C 139 26.50 -13.37 23.26
N LEU C 140 25.58 -13.09 24.17
CA LEU C 140 24.80 -14.12 24.85
C LEU C 140 24.22 -15.13 23.85
N LEU C 141 23.59 -14.61 22.79
CA LEU C 141 22.93 -15.44 21.79
C LEU C 141 23.90 -16.12 20.84
N LEU C 142 25.05 -15.50 20.58
CA LEU C 142 26.10 -16.13 19.77
C LEU C 142 26.52 -17.42 20.47
N ARG C 143 26.77 -17.30 21.77
CA ARG C 143 27.18 -18.40 22.61
C ARG C 143 26.12 -19.50 22.63
N GLU C 144 24.88 -19.10 22.94
CA GLU C 144 23.74 -20.01 22.89
C GLU C 144 23.65 -20.78 21.58
N HIS C 145 23.93 -20.14 20.44
CA HIS C 145 23.90 -20.88 19.17
C HIS C 145 24.91 -22.01 19.18
N ASN C 146 26.14 -21.68 19.58
CA ASN C 146 27.25 -22.62 19.55
C ASN C 146 27.09 -23.73 20.57
N ARG C 147 26.46 -23.41 21.70
CA ARG C 147 26.18 -24.43 22.70
C ARG C 147 25.25 -25.44 22.04
N LEU C 148 24.14 -24.95 21.49
CA LEU C 148 23.15 -25.82 20.88
C LEU C 148 23.73 -26.70 19.78
N ALA C 149 24.58 -26.12 18.94
CA ALA C 149 25.30 -26.85 17.90
C ALA C 149 26.20 -27.94 18.50
N THR C 150 26.93 -27.58 19.56
CA THR C 150 27.83 -28.51 20.24
C THR C 150 27.04 -29.68 20.82
N GLU C 151 25.91 -29.37 21.47
CA GLU C 151 25.03 -30.37 22.04
C GLU C 151 24.31 -31.20 21.00
N LEU C 152 23.79 -30.58 19.94
CA LEU C 152 23.12 -31.32 18.86
C LEU C 152 24.07 -32.27 18.15
N LYS C 153 25.37 -31.96 18.18
CA LYS C 153 26.39 -32.81 17.57
C LYS C 153 26.57 -34.12 18.34
N SER C 154 26.47 -34.06 19.66
CA SER C 154 26.54 -35.23 20.53
C SER C 154 25.38 -36.18 20.33
N LEU C 155 24.18 -35.63 20.18
CA LEU C 155 22.98 -36.41 19.95
C LEU C 155 23.04 -37.03 18.58
N ASN C 156 23.44 -36.23 17.59
CA ASN C 156 23.41 -36.62 16.19
C ASN C 156 24.77 -36.50 15.51
N PRO C 157 25.68 -37.48 15.75
CA PRO C 157 27.05 -37.38 15.22
C PRO C 157 27.18 -37.41 13.69
N ARG C 158 26.18 -37.95 12.99
CA ARG C 158 26.21 -37.98 11.51
C ARG C 158 25.82 -36.64 10.84
N TRP C 159 25.13 -35.77 11.58
CA TRP C 159 24.69 -34.44 11.11
C TRP C 159 25.85 -33.58 10.63
N ASP C 160 25.74 -33.03 9.42
CA ASP C 160 26.80 -32.14 8.89
C ASP C 160 26.71 -30.70 9.42
N GLY C 161 27.70 -29.88 9.05
CA GLY C 161 27.78 -28.47 9.47
C GLY C 161 26.51 -27.69 9.17
N GLU C 162 26.00 -27.88 7.95
CA GLU C 162 24.81 -27.19 7.50
C GLU C 162 23.59 -27.53 8.37
N ARG C 163 23.37 -28.82 8.60
CA ARG C 163 22.24 -29.29 9.39
C ARG C 163 22.31 -28.75 10.82
N LEU C 164 23.48 -28.86 11.46
CA LEU C 164 23.68 -28.41 12.84
C LEU C 164 23.48 -26.91 13.02
N TYR C 165 23.94 -26.16 12.04
CA TYR C 165 23.79 -24.72 12.01
C TYR C 165 22.30 -24.36 11.90
N GLN C 166 21.59 -25.03 10.98
CA GLN C 166 20.18 -24.75 10.76
C GLN C 166 19.34 -25.10 11.99
N GLU C 167 19.66 -26.22 12.63
CA GLU C 167 18.86 -26.69 13.75
C GLU C 167 19.05 -25.82 14.98
N ALA C 168 20.28 -25.35 15.21
CA ALA C 168 20.53 -24.44 16.33
C ALA C 168 19.87 -23.08 16.06
N ARG C 169 19.97 -22.60 14.82
CA ARG C 169 19.35 -21.35 14.36
C ARG C 169 17.84 -21.35 14.58
N LYS C 170 17.20 -22.46 14.18
CA LYS C 170 15.77 -22.66 14.35
C LYS C 170 15.41 -22.58 15.82
N ILE C 171 16.25 -23.17 16.67
CA ILE C 171 16.02 -23.15 18.11
C ILE C 171 16.17 -21.73 18.66
N VAL C 172 17.22 -21.01 18.23
CA VAL C 172 17.44 -19.65 18.72
C VAL C 172 16.31 -18.70 18.33
N GLY C 173 15.87 -18.80 17.07
CA GLY C 173 14.71 -18.08 16.57
C GLY C 173 13.49 -18.35 17.42
N ALA C 174 13.23 -19.63 17.70
CA ALA C 174 12.13 -20.05 18.57
C ALA C 174 12.22 -19.44 19.97
N MET C 175 13.44 -19.41 20.52
CA MET C 175 13.68 -18.82 21.85
C MET C 175 13.35 -17.32 21.89
N VAL C 176 13.70 -16.62 20.82
CA VAL C 176 13.45 -15.19 20.75
C VAL C 176 11.95 -14.96 20.67
N GLN C 177 11.23 -15.85 19.98
CA GLN C 177 9.78 -15.73 19.87
C GLN C 177 9.08 -16.02 21.18
N ILE C 178 9.48 -17.09 21.85
CA ILE C 178 8.91 -17.42 23.15
C ILE C 178 9.10 -16.27 24.13
N ILE C 179 10.33 -15.78 24.28
CA ILE C 179 10.63 -14.73 25.26
C ILE C 179 9.84 -13.46 24.94
N THR C 180 9.85 -13.08 23.65
CA THR C 180 9.10 -11.91 23.18
C THR C 180 7.60 -12.00 23.47
N TYR C 181 6.94 -13.06 22.98
CA TYR C 181 5.48 -13.15 23.10
C TYR C 181 4.97 -13.59 24.48
N ARG C 182 5.69 -14.50 25.14
CA ARG C 182 5.33 -14.99 26.48
C ARG C 182 5.70 -14.02 27.60
N ASP C 183 6.92 -13.46 27.53
CA ASP C 183 7.49 -12.68 28.64
C ASP C 183 7.54 -11.17 28.42
N TYR C 184 7.82 -10.73 27.19
CA TYR C 184 8.01 -9.28 26.88
C TYR C 184 6.73 -8.48 26.52
N LEU C 185 6.04 -8.87 25.43
CA LEU C 185 4.89 -8.12 24.95
C LEU C 185 3.76 -7.94 25.95
N PRO C 186 3.47 -8.96 26.81
CA PRO C 186 2.41 -8.71 27.82
C PRO C 186 2.73 -7.53 28.74
N LEU C 187 4.01 -7.33 29.02
CA LEU C 187 4.46 -6.27 29.94
C LEU C 187 4.58 -4.90 29.30
N VAL C 188 4.62 -4.89 27.96
CA VAL C 188 4.56 -3.69 27.15
C VAL C 188 3.10 -3.21 27.00
N LEU C 189 2.21 -4.13 26.63
CA LEU C 189 0.82 -3.78 26.28
C LEU C 189 -0.14 -3.67 27.48
N GLY C 190 0.05 -4.53 28.47
CA GLY C 190 -0.88 -4.69 29.59
C GLY C 190 -1.85 -5.79 29.24
N PRO C 191 -2.63 -6.30 30.21
CA PRO C 191 -3.54 -7.44 29.89
C PRO C 191 -4.67 -7.13 28.91
N THR C 192 -5.21 -5.92 28.92
CA THR C 192 -6.33 -5.55 28.04
C THR C 192 -5.94 -5.48 26.57
N ALA C 193 -4.88 -4.73 26.27
CA ALA C 193 -4.36 -4.64 24.91
C ALA C 193 -3.81 -5.99 24.43
N MET C 194 -3.29 -6.81 25.34
CA MET C 194 -2.80 -8.13 24.98
C MET C 194 -3.94 -8.94 24.37
N ARG C 195 -5.06 -8.99 25.08
CA ARG C 195 -6.22 -9.80 24.71
C ARG C 195 -6.85 -9.30 23.42
N LYS C 196 -6.86 -7.99 23.24
CA LYS C 196 -7.50 -7.35 22.09
C LYS C 196 -6.67 -7.57 20.82
N TYR C 197 -5.38 -7.23 20.90
CA TYR C 197 -4.51 -7.17 19.72
C TYR C 197 -3.72 -8.45 19.46
N LEU C 198 -3.55 -9.28 20.48
CA LEU C 198 -2.84 -10.55 20.34
C LEU C 198 -3.62 -11.76 20.89
N PRO C 199 -4.83 -12.02 20.36
CA PRO C 199 -5.58 -13.15 20.87
C PRO C 199 -4.83 -14.45 20.64
N THR C 200 -5.30 -15.53 21.26
CA THR C 200 -4.64 -16.83 21.24
C THR C 200 -4.29 -17.25 19.82
N TYR C 201 -3.16 -17.90 19.65
CA TYR C 201 -2.71 -18.37 18.34
C TYR C 201 -3.54 -19.57 17.92
N ARG C 202 -4.00 -19.54 16.67
CA ARG C 202 -4.80 -20.64 16.13
C ARG C 202 -4.05 -21.33 15.03
N SER C 203 -3.44 -20.56 14.12
CA SER C 203 -2.77 -21.12 12.96
C SER C 203 -2.17 -20.08 12.05
N TYR C 204 -1.20 -20.52 11.24
CA TYR C 204 -0.64 -19.71 10.19
C TYR C 204 -1.74 -19.31 9.21
N ASN C 205 -1.69 -18.05 8.75
CA ASN C 205 -2.67 -17.53 7.81
C ASN C 205 -1.88 -16.78 6.77
N ASP C 206 -1.81 -17.34 5.56
CA ASP C 206 -0.96 -16.84 4.48
C ASP C 206 -1.51 -15.59 3.80
N SER C 207 -2.62 -15.06 4.34
CA SER C 207 -3.24 -13.85 3.83
C SER C 207 -2.94 -12.65 4.74
N VAL C 208 -2.19 -12.92 5.80
CA VAL C 208 -1.75 -11.87 6.71
C VAL C 208 -0.41 -11.32 6.20
N ASP C 209 -0.37 -10.00 5.95
CA ASP C 209 0.85 -9.32 5.53
C ASP C 209 1.79 -9.25 6.75
N PRO C 210 2.96 -9.93 6.67
CA PRO C 210 3.93 -9.95 7.77
C PRO C 210 4.97 -8.82 7.71
N ARG C 211 4.85 -7.90 6.75
CA ARG C 211 5.76 -6.75 6.64
C ARG C 211 5.66 -5.77 7.82
N ILE C 212 6.79 -5.14 8.13
CA ILE C 212 6.82 -4.06 9.09
C ILE C 212 6.23 -2.82 8.43
N ALA C 213 5.24 -2.24 9.10
CA ALA C 213 4.66 -0.96 8.68
C ALA C 213 5.63 0.18 8.98
N ASN C 214 5.60 1.21 8.14
CA ASN C 214 6.44 2.38 8.31
C ASN C 214 6.30 3.00 9.73
N VAL C 215 5.06 3.18 10.18
CA VAL C 215 4.77 3.77 11.51
C VAL C 215 5.43 3.03 12.68
N PHE C 216 5.55 1.71 12.57
CA PHE C 216 6.13 0.89 13.63
C PHE C 216 7.59 1.24 13.94
N THR C 217 8.36 1.53 12.89
CA THR C 217 9.78 1.93 13.07
C THR C 217 9.93 3.16 13.96
N ASN C 218 8.89 4.01 13.98
CA ASN C 218 8.88 5.21 14.81
C ASN C 218 8.13 4.95 16.11
N ALA C 219 7.00 4.26 16.02
CA ALA C 219 6.18 3.93 17.18
C ALA C 219 6.88 3.04 18.21
N PHE C 220 7.70 2.09 17.75
CA PHE C 220 8.39 1.19 18.68
C PHE C 220 9.60 1.87 19.38
N ARG C 221 9.89 3.11 19.03
CA ARG C 221 10.92 3.86 19.71
C ARG C 221 10.42 4.37 21.06
N TYR C 222 9.21 3.94 21.43
CA TYR C 222 8.61 4.22 22.74
C TYR C 222 9.64 3.86 23.79
N GLY C 223 10.44 2.83 23.48
CA GLY C 223 11.49 2.31 24.33
C GLY C 223 12.51 3.32 24.81
N HIS C 224 12.65 4.40 24.06
CA HIS C 224 13.60 5.44 24.45
C HIS C 224 13.26 6.06 25.81
N THR C 225 12.01 5.94 26.22
CA THR C 225 11.55 6.51 27.49
C THR C 225 11.97 5.59 28.66
N LEU C 226 12.47 4.40 28.32
CA LEU C 226 12.85 3.42 29.31
C LEU C 226 14.32 3.49 29.68
N ILE C 227 15.07 4.27 28.91
CA ILE C 227 16.53 4.33 29.04
C ILE C 227 16.99 5.07 30.30
N GLN C 228 17.91 4.46 31.03
CA GLN C 228 18.58 5.07 32.19
C GLN C 228 19.84 5.82 31.74
N PRO C 229 20.26 6.87 32.49
CA PRO C 229 21.41 7.69 32.08
C PRO C 229 22.79 7.04 32.30
N PHE C 230 22.82 5.84 32.86
CA PHE C 230 24.07 5.12 33.11
C PHE C 230 23.98 3.69 32.62
N MET C 231 25.15 3.09 32.36
CA MET C 231 25.30 1.65 32.24
C MET C 231 25.72 1.21 33.63
N PHE C 232 24.89 0.36 34.26
CA PHE C 232 25.20 -0.15 35.57
C PHE C 232 25.92 -1.50 35.43
N ARG C 233 26.94 -1.70 36.26
CA ARG C 233 27.72 -2.93 36.24
C ARG C 233 27.93 -3.44 37.66
N LEU C 234 27.80 -4.76 37.83
CA LEU C 234 27.86 -5.37 39.15
C LEU C 234 28.79 -6.59 39.15
N ASP C 235 29.54 -6.76 40.25
CA ASP C 235 30.44 -7.90 40.40
C ASP C 235 29.68 -9.18 40.81
N ASN C 236 30.39 -10.30 40.99
CA ASN C 236 29.74 -11.59 41.26
C ASN C 236 28.99 -11.67 42.60
N ARG C 237 28.84 -10.52 43.28
CA ARG C 237 28.07 -10.43 44.51
C ARG C 237 26.95 -9.40 44.37
N TYR C 238 26.70 -8.96 43.14
CA TYR C 238 25.65 -7.96 42.80
C TYR C 238 25.80 -6.63 43.54
N GLN C 239 27.06 -6.28 43.81
CA GLN C 239 27.43 -5.01 44.40
C GLN C 239 28.12 -4.16 43.31
N PRO C 240 27.95 -2.82 43.38
CA PRO C 240 28.58 -1.93 42.41
C PRO C 240 30.04 -2.32 42.10
N MET C 241 30.34 -2.53 40.82
CA MET C 241 31.68 -2.93 40.39
C MET C 241 32.60 -1.71 40.33
N GLU C 242 33.67 -1.72 41.13
CA GLU C 242 34.60 -0.59 41.21
C GLU C 242 35.69 -0.61 40.12
N PRO C 243 36.19 0.57 39.71
CA PRO C 243 35.94 1.93 40.24
C PRO C 243 34.78 2.72 39.60
N ASN C 244 34.22 2.20 38.52
CA ASN C 244 33.16 2.88 37.77
C ASN C 244 31.89 2.04 37.64
N PRO C 245 31.01 2.09 38.66
CA PRO C 245 29.75 1.34 38.59
C PRO C 245 28.64 2.04 37.81
N ARG C 246 28.74 3.36 37.64
CA ARG C 246 27.69 4.15 36.99
C ARG C 246 28.24 5.02 35.85
N VAL C 247 28.59 4.39 34.73
CA VAL C 247 29.18 5.09 33.58
C VAL C 247 28.12 5.86 32.79
N PRO C 248 28.28 7.20 32.67
CA PRO C 248 27.34 7.98 31.87
C PRO C 248 27.19 7.39 30.45
N LEU C 249 25.95 7.27 30.02
CA LEU C 249 25.58 6.64 28.78
C LEU C 249 26.31 7.25 27.58
N SER C 250 26.52 8.56 27.60
CA SER C 250 27.24 9.24 26.52
C SER C 250 28.72 8.85 26.42
N ARG C 251 29.19 8.01 27.34
CA ARG C 251 30.56 7.52 27.31
C ARG C 251 30.62 5.99 27.06
N VAL C 252 29.46 5.40 26.79
CA VAL C 252 29.35 3.97 26.44
C VAL C 252 28.94 3.73 24.98
N PHE C 253 28.44 4.74 24.31
CA PHE C 253 27.97 4.55 22.94
C PHE C 253 29.14 4.13 22.10
N PHE C 254 29.01 2.96 21.49
CA PHE C 254 30.03 2.42 20.60
C PHE C 254 31.32 2.04 21.30
N ALA C 255 31.28 2.04 22.63
CA ALA C 255 32.44 1.69 23.45
C ALA C 255 32.57 0.17 23.56
N SER C 256 32.99 -0.45 22.46
CA SER C 256 33.20 -1.90 22.43
C SER C 256 34.42 -2.30 23.25
N TRP C 257 35.32 -1.33 23.47
CA TRP C 257 36.52 -1.51 24.29
C TRP C 257 36.15 -1.81 25.73
N ARG C 258 35.00 -1.31 26.18
CA ARG C 258 34.50 -1.58 27.53
C ARG C 258 34.13 -3.05 27.74
N VAL C 259 33.67 -3.72 26.68
CA VAL C 259 33.35 -5.13 26.75
C VAL C 259 34.66 -5.92 26.79
N VAL C 260 35.56 -5.58 25.86
CA VAL C 260 36.82 -6.29 25.69
C VAL C 260 37.78 -6.05 26.88
N LEU C 261 37.86 -4.82 27.39
CA LEU C 261 38.85 -4.49 28.41
C LEU C 261 38.34 -4.17 29.83
N GLU C 262 37.03 -4.07 30.02
CA GLU C 262 36.50 -3.78 31.35
C GLU C 262 35.60 -4.88 31.91
N GLY C 263 35.93 -6.14 31.58
CA GLY C 263 35.36 -7.30 32.29
C GLY C 263 34.28 -8.12 31.60
N GLY C 264 34.18 -8.02 30.28
CA GLY C 264 33.28 -8.86 29.50
C GLY C 264 31.82 -8.57 29.78
N ILE C 265 30.97 -9.57 29.56
CA ILE C 265 29.51 -9.34 29.59
C ILE C 265 28.80 -9.58 30.92
N ASP C 266 29.37 -10.38 31.82
CA ASP C 266 28.74 -10.62 33.13
C ASP C 266 28.37 -9.36 33.94
N PRO C 267 29.32 -8.44 34.14
CA PRO C 267 28.94 -7.26 34.94
C PRO C 267 27.74 -6.51 34.37
N ILE C 268 27.68 -6.45 33.03
CA ILE C 268 26.65 -5.72 32.29
C ILE C 268 25.31 -6.45 32.38
N LEU C 269 25.33 -7.76 32.11
CA LEU C 269 24.14 -8.60 32.27
C LEU C 269 23.57 -8.55 33.69
N ARG C 270 24.45 -8.56 34.69
CA ARG C 270 24.06 -8.37 36.06
C ARG C 270 23.38 -7.01 36.24
N GLY C 271 24.05 -5.97 35.73
CA GLY C 271 23.49 -4.61 35.74
C GLY C 271 22.10 -4.52 35.14
N LEU C 272 21.92 -5.13 33.97
CA LEU C 272 20.62 -5.14 33.30
C LEU C 272 19.51 -5.81 34.15
N MET C 273 19.84 -6.92 34.80
CA MET C 273 18.88 -7.65 35.63
C MET C 273 18.47 -6.97 36.94
N ALA C 274 19.43 -6.35 37.63
CA ALA C 274 19.24 -5.82 38.98
C ALA C 274 19.09 -4.30 39.07
N THR C 275 19.06 -3.61 37.94
CA THR C 275 18.75 -2.18 37.95
C THR C 275 17.35 -1.95 37.38
N PRO C 276 16.53 -1.11 38.06
CA PRO C 276 15.22 -0.80 37.51
C PRO C 276 15.36 -0.01 36.22
N ALA C 277 14.44 -0.19 35.29
CA ALA C 277 14.38 0.65 34.11
C ALA C 277 13.86 2.03 34.50
N LYS C 278 14.06 3.03 33.63
CA LYS C 278 13.42 4.32 33.87
C LYS C 278 11.95 4.22 33.53
N LEU C 279 11.09 4.81 34.36
CA LEU C 279 9.64 4.82 34.13
C LEU C 279 9.28 6.05 33.29
N ASN C 280 8.43 5.84 32.28
CA ASN C 280 7.90 6.94 31.50
C ASN C 280 6.81 7.64 32.32
N ARG C 281 6.97 8.95 32.49
CA ARG C 281 6.01 9.80 33.18
C ARG C 281 5.89 11.05 32.35
N GLN C 282 4.71 11.66 32.36
CA GLN C 282 4.34 12.74 31.43
C GLN C 282 5.17 14.04 31.54
N ASN C 283 5.94 14.17 32.61
CA ASN C 283 6.84 15.29 32.80
C ASN C 283 8.28 14.80 32.98
N GLN C 284 8.51 13.55 32.62
CA GLN C 284 9.82 12.91 32.75
C GLN C 284 10.02 11.95 31.57
N ILE C 285 9.88 12.48 30.34
CA ILE C 285 9.79 11.60 29.16
C ILE C 285 11.11 10.91 28.79
N ALA C 286 12.19 11.66 28.53
CA ALA C 286 13.48 11.05 28.21
C ALA C 286 14.69 11.80 28.78
N VAL C 287 15.80 11.09 28.99
CA VAL C 287 16.98 11.65 29.67
C VAL C 287 17.93 12.45 28.79
N ASP C 288 18.58 13.45 29.38
CA ASP C 288 19.48 14.31 28.63
C ASP C 288 20.69 13.57 28.07
N GLU C 289 20.89 12.32 28.49
CA GLU C 289 21.97 11.50 27.94
C GLU C 289 21.65 11.05 26.51
N ILE C 290 20.36 10.90 26.20
CA ILE C 290 19.95 10.68 24.81
C ILE C 290 19.41 11.96 24.16
N ARG C 291 18.91 12.89 24.98
CA ARG C 291 18.31 14.13 24.50
C ARG C 291 19.33 15.23 24.21
N GLU C 292 20.49 15.18 24.87
CA GLU C 292 21.54 16.18 24.67
C GLU C 292 22.86 15.57 24.18
N ARG C 293 23.20 14.37 24.65
CA ARG C 293 24.57 13.85 24.46
C ARG C 293 24.64 12.54 23.64
N LEU C 294 23.58 12.21 22.90
CA LEU C 294 23.61 11.01 22.10
C LEU C 294 24.81 11.01 21.12
N PHE C 295 25.61 9.95 21.22
CA PHE C 295 26.81 9.74 20.39
C PHE C 295 27.77 10.93 20.51
N GLU C 296 27.96 11.42 21.73
CA GLU C 296 28.82 12.58 22.03
C GLU C 296 30.27 12.39 21.56
N GLN C 297 30.79 11.18 21.71
CA GLN C 297 32.20 10.88 21.47
C GLN C 297 32.49 10.52 20.02
N VAL C 298 31.45 10.39 19.21
CA VAL C 298 31.64 9.99 17.81
C VAL C 298 31.02 10.96 16.79
N MET C 299 30.45 12.07 17.26
CA MET C 299 29.86 13.10 16.39
C MET C 299 30.44 14.49 16.71
N ARG C 300 30.20 15.46 15.83
CA ARG C 300 30.67 16.85 16.03
C ARG C 300 29.99 17.56 17.21
N ILE C 301 28.76 17.16 17.50
CA ILE C 301 28.00 17.59 18.66
C ILE C 301 27.09 16.43 19.07
N GLY C 302 26.67 16.42 20.34
CA GLY C 302 25.74 15.41 20.81
C GLY C 302 24.39 15.57 20.13
N LEU C 303 23.72 14.44 19.86
CA LEU C 303 22.45 14.46 19.18
C LEU C 303 21.30 14.47 20.17
N ASP C 304 20.09 14.59 19.64
CA ASP C 304 18.87 14.62 20.43
C ASP C 304 18.01 13.53 19.84
N LEU C 305 18.01 12.37 20.50
CA LEU C 305 17.26 11.21 19.99
C LEU C 305 15.74 11.50 19.86
N PRO C 306 15.09 12.02 20.92
CA PRO C 306 13.67 12.37 20.77
C PRO C 306 13.37 13.28 19.57
N ALA C 307 14.21 14.31 19.38
CA ALA C 307 14.07 15.22 18.25
C ALA C 307 14.31 14.53 16.91
N LEU C 308 15.28 13.62 16.86
CA LEU C 308 15.56 12.83 15.65
C LEU C 308 14.42 11.87 15.32
N ASN C 309 13.73 11.38 16.35
CA ASN C 309 12.57 10.49 16.20
C ASN C 309 11.48 11.28 15.50
N MET C 310 11.30 12.52 15.95
CA MET C 310 10.30 13.39 15.37
C MET C 310 10.68 13.83 13.97
N GLN C 311 11.96 14.11 13.74
CA GLN C 311 12.38 14.45 12.39
C GLN C 311 12.27 13.22 11.47
N ARG C 312 12.46 12.03 12.02
CA ARG C 312 12.36 10.80 11.25
C ARG C 312 10.93 10.54 10.78
N SER C 313 9.94 10.81 11.63
CA SER C 313 8.53 10.61 11.21
C SER C 313 8.15 11.52 10.04
N ARG C 314 8.78 12.69 9.98
CA ARG C 314 8.57 13.67 8.91
C ARG C 314 9.27 13.26 7.60
N ASP C 315 10.53 12.86 7.73
CA ASP C 315 11.31 12.25 6.67
C ASP C 315 10.51 11.16 5.99
N HIS C 316 9.80 10.39 6.81
CA HIS C 316 9.05 9.21 6.38
C HIS C 316 7.63 9.52 5.99
N GLY C 317 7.23 10.79 6.03
CA GLY C 317 5.90 11.23 5.65
C GLY C 317 4.81 10.56 6.47
N LEU C 318 5.03 10.45 7.78
CA LEU C 318 4.02 9.80 8.62
C LEU C 318 2.89 10.75 8.98
N PRO C 319 1.63 10.26 8.91
CA PRO C 319 0.50 11.03 9.40
C PRO C 319 0.66 11.35 10.89
N GLY C 320 -0.05 12.37 11.36
CA GLY C 320 0.09 12.84 12.74
C GLY C 320 -0.71 12.00 13.72
N TYR C 321 -0.74 12.47 14.95
CA TYR C 321 -1.38 11.78 16.07
C TYR C 321 -2.84 11.33 15.76
N ASN C 322 -3.71 12.28 15.44
CA ASN C 322 -5.13 11.96 15.23
C ASN C 322 -5.39 11.01 14.09
N ALA C 323 -4.57 11.09 13.04
CA ALA C 323 -4.72 10.18 11.90
C ALA C 323 -4.55 8.74 12.38
N TRP C 324 -3.54 8.54 13.22
CA TRP C 324 -3.28 7.23 13.81
C TRP C 324 -4.30 6.85 14.87
N ARG C 325 -4.85 7.84 15.58
CA ARG C 325 -5.94 7.62 16.53
C ARG C 325 -7.16 7.05 15.78
N ARG C 326 -7.52 7.72 14.69
CA ARG C 326 -8.59 7.30 13.81
C ARG C 326 -8.35 5.88 13.32
N PHE C 327 -7.14 5.62 12.85
CA PHE C 327 -6.74 4.31 12.36
C PHE C 327 -7.00 3.22 13.38
N CYS C 328 -6.72 3.51 14.64
CA CYS C 328 -6.90 2.59 15.74
C CYS C 328 -8.33 2.58 16.28
N GLY C 329 -9.19 3.44 15.73
CA GLY C 329 -10.57 3.53 16.19
C GLY C 329 -10.69 4.14 17.58
N LEU C 330 -9.82 5.09 17.87
CA LEU C 330 -9.78 5.84 19.13
C LEU C 330 -10.21 7.28 18.90
N PRO C 331 -10.87 7.91 19.89
CA PRO C 331 -11.32 9.29 19.71
C PRO C 331 -10.20 10.25 19.32
N GLN C 332 -10.52 11.26 18.50
CA GLN C 332 -9.56 12.29 18.08
C GLN C 332 -9.79 13.63 18.81
N PRO C 333 -8.96 13.94 19.83
CA PRO C 333 -9.07 15.24 20.49
C PRO C 333 -8.78 16.39 19.52
N GLU C 334 -9.62 17.41 19.52
CA GLU C 334 -9.49 18.55 18.60
C GLU C 334 -9.15 19.85 19.31
N THR C 335 -9.57 19.96 20.57
CA THR C 335 -9.32 21.14 21.37
C THR C 335 -8.34 20.80 22.46
N VAL C 336 -7.91 21.81 23.22
CA VAL C 336 -6.96 21.59 24.30
C VAL C 336 -7.59 20.81 25.45
N GLY C 337 -8.89 21.01 25.66
CA GLY C 337 -9.63 20.36 26.75
C GLY C 337 -9.82 18.89 26.45
N GLN C 338 -9.97 18.58 25.17
CA GLN C 338 -10.14 17.20 24.75
C GLN C 338 -8.82 16.45 24.90
N LEU C 339 -7.73 17.09 24.49
CA LEU C 339 -6.40 16.53 24.63
C LEU C 339 -6.08 16.33 26.10
N GLY C 340 -6.51 17.27 26.94
CA GLY C 340 -6.35 17.15 28.39
C GLY C 340 -7.03 15.92 28.96
N THR C 341 -8.21 15.59 28.44
CA THR C 341 -8.95 14.41 28.86
C THR C 341 -8.32 13.11 28.41
N VAL C 342 -7.94 13.05 27.13
CA VAL C 342 -7.28 11.88 26.54
C VAL C 342 -5.99 11.57 27.30
N LEU C 343 -5.19 12.62 27.52
CA LEU C 343 -3.91 12.50 28.23
C LEU C 343 -4.04 12.43 29.75
N ARG C 344 -5.23 12.77 30.27
CA ARG C 344 -5.49 12.92 31.71
C ARG C 344 -4.43 13.84 32.32
N ASN C 345 -4.24 15.00 31.65
CA ASN C 345 -3.17 15.93 31.95
C ASN C 345 -3.30 17.18 31.09
N LEU C 346 -4.04 18.16 31.61
CA LEU C 346 -4.29 19.40 30.90
C LEU C 346 -3.00 20.22 30.68
N LYS C 347 -2.13 20.23 31.68
CA LYS C 347 -0.81 20.90 31.59
C LYS C 347 0.01 20.41 30.39
N LEU C 348 0.05 19.10 30.15
CA LEU C 348 0.74 18.55 28.99
C LEU C 348 0.03 18.90 27.67
N ALA C 349 -1.31 18.88 27.70
CA ALA C 349 -2.13 19.24 26.54
C ALA C 349 -1.88 20.67 26.07
N ARG C 350 -1.74 21.60 27.03
CA ARG C 350 -1.51 23.01 26.70
C ARG C 350 -0.14 23.24 26.08
N LYS C 351 0.87 22.59 26.65
CA LYS C 351 2.24 22.60 26.12
C LYS C 351 2.30 22.07 24.69
N LEU C 352 1.67 20.91 24.46
CA LEU C 352 1.66 20.26 23.15
C LEU C 352 0.97 21.12 22.11
N MET C 353 -0.15 21.73 22.51
CA MET C 353 -0.89 22.63 21.65
C MET C 353 -0.11 23.90 21.38
N GLU C 354 0.62 24.37 22.38
CA GLU C 354 1.46 25.56 22.23
C GLU C 354 2.51 25.29 21.14
N GLN C 355 3.09 24.09 21.17
CA GLN C 355 4.08 23.65 20.20
C GLN C 355 3.52 23.33 18.81
N TYR C 356 2.42 22.59 18.75
CA TYR C 356 1.92 22.07 17.47
C TYR C 356 0.76 22.85 16.87
N GLY C 357 -0.01 23.54 17.74
CA GLY C 357 -1.16 24.33 17.31
C GLY C 357 -2.44 23.50 17.19
N THR C 358 -2.29 22.30 16.61
CA THR C 358 -3.41 21.38 16.38
C THR C 358 -2.99 19.94 16.67
N PRO C 359 -3.88 19.12 17.27
CA PRO C 359 -3.49 17.74 17.59
C PRO C 359 -3.30 16.86 16.36
N ASN C 360 -3.73 17.33 15.20
CA ASN C 360 -3.48 16.63 13.94
C ASN C 360 -2.00 16.67 13.54
N ASN C 361 -1.27 17.69 14.00
CA ASN C 361 0.13 17.90 13.68
C ASN C 361 1.12 17.26 14.66
N ILE C 362 0.63 16.77 15.80
CA ILE C 362 1.51 16.09 16.77
C ILE C 362 2.20 14.89 16.09
N ASP C 363 3.52 14.82 16.18
CA ASP C 363 4.28 13.70 15.64
C ASP C 363 3.93 12.42 16.41
N ILE C 364 3.84 11.31 15.69
CA ILE C 364 3.40 10.05 16.26
C ILE C 364 4.17 9.64 17.54
N TRP C 365 5.49 9.73 17.53
CA TRP C 365 6.26 9.35 18.72
C TRP C 365 5.90 10.19 19.94
N MET C 366 5.75 11.50 19.73
CA MET C 366 5.54 12.45 20.82
C MET C 366 4.18 12.30 21.48
N GLY C 367 3.12 12.21 20.67
CA GLY C 367 1.79 11.97 21.19
C GLY C 367 1.70 10.59 21.82
N GLY C 368 2.31 9.61 21.16
CA GLY C 368 2.35 8.23 21.65
C GLY C 368 2.95 8.09 23.04
N VAL C 369 4.13 8.66 23.25
CA VAL C 369 4.81 8.51 24.54
C VAL C 369 4.18 9.40 25.60
N SER C 370 3.42 10.41 25.15
CA SER C 370 2.72 11.33 26.05
C SER C 370 1.50 10.70 26.67
N GLU C 371 0.85 9.78 25.96
CA GLU C 371 -0.39 9.16 26.45
C GLU C 371 -0.20 8.45 27.80
N PRO C 372 -1.21 8.49 28.70
CA PRO C 372 -1.00 7.82 29.98
C PRO C 372 -0.89 6.30 29.78
N LEU C 373 -0.11 5.66 30.61
CA LEU C 373 0.23 4.26 30.39
C LEU C 373 -0.93 3.35 30.75
N LYS C 374 -1.05 2.23 30.04
CA LYS C 374 -2.10 1.28 30.34
C LYS C 374 -1.81 0.52 31.64
N ARG C 375 -2.86 0.06 32.31
CA ARG C 375 -2.72 -0.72 33.55
C ARG C 375 -1.80 -1.93 33.30
N LYS C 376 -0.72 -2.00 34.07
CA LYS C 376 0.30 -3.08 33.98
C LYS C 376 1.04 -3.10 32.61
N GLY C 377 0.85 -2.06 31.81
CA GLY C 377 1.56 -1.88 30.55
C GLY C 377 2.46 -0.64 30.55
N ARG C 378 3.33 -0.53 29.55
CA ARG C 378 4.22 0.62 29.46
C ARG C 378 3.99 1.48 28.20
N VAL C 379 2.84 1.29 27.54
CA VAL C 379 2.38 2.18 26.46
C VAL C 379 0.93 2.65 26.67
N GLY C 380 0.57 3.77 26.03
CA GLY C 380 -0.80 4.26 26.08
C GLY C 380 -1.63 3.59 25.01
N PRO C 381 -2.95 3.90 24.95
CA PRO C 381 -3.82 3.23 23.99
C PRO C 381 -3.29 3.21 22.55
N LEU C 382 -2.84 4.37 22.05
CA LEU C 382 -2.35 4.49 20.68
C LEU C 382 -1.17 3.56 20.37
N LEU C 383 -0.09 3.63 21.15
CA LEU C 383 1.07 2.80 20.90
C LEU C 383 0.76 1.31 21.07
N ALA C 384 -0.13 0.98 22.00
CA ALA C 384 -0.59 -0.41 22.18
C ALA C 384 -1.21 -0.98 20.90
N CYS C 385 -2.03 -0.16 20.25
CA CYS C 385 -2.69 -0.56 19.01
C CYS C 385 -1.70 -0.76 17.89
N ILE C 386 -0.72 0.14 17.78
CA ILE C 386 0.31 0.03 16.73
C ILE C 386 1.23 -1.16 16.98
N ILE C 387 1.71 -1.30 18.22
CA ILE C 387 2.63 -2.36 18.59
C ILE C 387 1.96 -3.76 18.55
N GLY C 388 0.79 -3.87 19.17
CA GLY C 388 0.04 -5.11 19.19
C GLY C 388 -0.44 -5.53 17.81
N THR C 389 -0.80 -4.57 16.97
CA THR C 389 -1.18 -4.87 15.58
C THR C 389 0.01 -5.46 14.83
N GLN C 390 1.19 -4.87 15.01
CA GLN C 390 2.38 -5.31 14.30
C GLN C 390 2.78 -6.74 14.68
N PHE C 391 2.85 -7.02 15.98
CA PHE C 391 3.25 -8.34 16.47
C PHE C 391 2.24 -9.47 16.20
N ARG C 392 0.95 -9.11 16.12
CA ARG C 392 -0.06 -10.07 15.67
C ARG C 392 0.25 -10.53 14.25
N LYS C 393 0.64 -9.58 13.39
CA LYS C 393 0.89 -9.87 11.99
C LYS C 393 2.20 -10.63 11.79
N LEU C 394 3.17 -10.36 12.67
CA LEU C 394 4.44 -11.08 12.61
C LEU C 394 4.30 -12.52 13.09
N ARG C 395 3.31 -12.78 13.93
CA ARG C 395 3.06 -14.13 14.43
C ARG C 395 2.17 -14.89 13.45
N ASP C 396 1.05 -14.28 13.05
CA ASP C 396 0.08 -14.94 12.17
C ASP C 396 0.55 -15.08 10.74
N GLY C 397 1.51 -14.25 10.33
CA GLY C 397 2.04 -14.28 8.96
C GLY C 397 3.33 -15.05 8.82
N ASP C 398 3.75 -15.74 9.88
CA ASP C 398 5.01 -16.47 9.90
C ASP C 398 4.78 -17.97 9.72
N ARG C 399 5.15 -18.49 8.55
CA ARG C 399 4.99 -19.91 8.25
C ARG C 399 5.89 -20.75 9.15
N PHE C 400 6.98 -20.14 9.61
CA PHE C 400 7.95 -20.77 10.48
C PHE C 400 7.77 -20.39 11.96
N TRP C 401 6.58 -19.92 12.33
CA TRP C 401 6.23 -19.64 13.73
C TRP C 401 6.35 -20.93 14.53
N TRP C 402 6.82 -20.83 15.77
CA TRP C 402 7.24 -22.00 16.52
C TRP C 402 6.11 -22.95 16.85
N GLU C 403 4.87 -22.44 16.82
CA GLU C 403 3.67 -23.23 17.13
C GLU C 403 2.95 -23.68 15.86
N ASN C 404 3.52 -23.37 14.70
CA ASN C 404 2.91 -23.78 13.44
C ASN C 404 3.17 -25.27 13.23
N GLU C 405 2.11 -26.02 12.89
CA GLU C 405 2.25 -27.47 12.72
C GLU C 405 3.27 -27.73 11.63
N GLY C 406 4.16 -28.69 11.89
CA GLY C 406 5.19 -29.07 10.94
C GLY C 406 6.50 -28.35 11.13
N VAL C 407 6.52 -27.29 11.94
CA VAL C 407 7.76 -26.58 12.18
C VAL C 407 8.52 -27.32 13.25
N PHE C 408 7.86 -27.61 14.36
CA PHE C 408 8.44 -28.42 15.41
C PHE C 408 7.55 -29.63 15.71
N SER C 409 8.15 -30.68 16.26
CA SER C 409 7.37 -31.83 16.74
C SER C 409 6.67 -31.44 18.04
N MET C 410 5.59 -32.14 18.38
CA MET C 410 4.89 -31.91 19.65
C MET C 410 5.85 -31.93 20.82
N GLN C 411 6.80 -32.87 20.79
CA GLN C 411 7.76 -33.07 21.87
C GLN C 411 8.79 -31.94 21.96
N GLN C 412 9.19 -31.42 20.79
CA GLN C 412 10.10 -30.28 20.70
C GLN C 412 9.45 -29.02 21.29
N ARG C 413 8.20 -28.77 20.89
CA ARG C 413 7.42 -27.64 21.38
C ARG C 413 7.24 -27.66 22.89
N GLN C 414 7.08 -28.86 23.43
CA GLN C 414 6.96 -29.08 24.86
C GLN C 414 8.25 -28.69 25.59
N ALA C 415 9.39 -29.10 25.02
CA ALA C 415 10.68 -28.75 25.56
C ALA C 415 10.93 -27.24 25.46
N LEU C 416 10.70 -26.66 24.28
CA LEU C 416 10.88 -25.22 24.07
C LEU C 416 10.09 -24.35 25.04
N ALA C 417 8.93 -24.84 25.50
CA ALA C 417 8.07 -24.06 26.40
C ALA C 417 8.68 -23.87 27.79
N GLN C 418 9.73 -24.64 28.09
CA GLN C 418 10.45 -24.53 29.35
C GLN C 418 11.66 -23.57 29.30
N ILE C 419 11.90 -22.94 28.15
CA ILE C 419 13.02 -22.01 28.03
C ILE C 419 12.68 -20.70 28.71
N SER C 420 13.71 -19.95 29.08
CA SER C 420 13.57 -18.63 29.68
C SER C 420 14.89 -17.88 29.50
N LEU C 421 14.84 -16.55 29.54
CA LEU C 421 16.07 -15.76 29.39
C LEU C 421 17.06 -16.01 30.55
N PRO C 422 16.57 -16.03 31.83
CA PRO C 422 17.48 -16.32 32.93
C PRO C 422 18.26 -17.64 32.76
N ARG C 423 17.63 -18.67 32.20
CA ARG C 423 18.32 -19.95 32.01
C ARG C 423 19.38 -19.86 30.94
N ILE C 424 19.08 -19.18 29.83
CA ILE C 424 20.06 -18.92 28.76
C ILE C 424 21.32 -18.24 29.31
N ILE C 425 21.12 -17.32 30.27
CA ILE C 425 22.20 -16.63 30.95
C ILE C 425 23.02 -17.61 31.80
N CYS C 426 22.35 -18.50 32.51
CA CYS C 426 23.02 -19.54 33.31
C CYS C 426 23.91 -20.43 32.45
N ASP C 427 23.51 -20.66 31.21
CA ASP C 427 24.16 -21.60 30.30
C ASP C 427 25.30 -21.01 29.50
N ASN C 428 25.38 -19.68 29.42
CA ASN C 428 26.33 -19.03 28.50
C ASN C 428 27.25 -17.99 29.14
N THR C 429 27.18 -17.88 30.46
CA THR C 429 27.97 -16.88 31.18
C THR C 429 28.60 -17.48 32.43
N GLY C 430 29.31 -16.64 33.20
CA GLY C 430 29.79 -17.00 34.53
C GLY C 430 28.88 -16.45 35.63
N ILE C 431 27.63 -16.14 35.28
CA ILE C 431 26.64 -15.70 36.28
C ILE C 431 25.90 -16.93 36.80
N THR C 432 25.94 -17.13 38.11
CA THR C 432 25.35 -18.33 38.74
C THR C 432 24.10 -17.98 39.54
N THR C 433 23.82 -16.67 39.66
CA THR C 433 22.60 -16.21 40.29
C THR C 433 21.87 -15.26 39.34
N VAL C 434 20.60 -15.55 39.06
CA VAL C 434 19.82 -14.78 38.09
C VAL C 434 18.45 -14.36 38.64
N SER C 435 17.72 -13.57 37.87
CA SER C 435 16.40 -13.10 38.30
C SER C 435 15.30 -14.16 38.11
N LYS C 436 14.31 -14.12 39.01
CA LYS C 436 13.10 -14.95 38.92
C LYS C 436 12.23 -14.49 37.76
N ASN C 437 11.52 -15.42 37.13
CA ASN C 437 10.51 -15.09 36.14
C ASN C 437 9.43 -14.23 36.81
N ASN C 438 8.99 -13.14 36.18
CA ASN C 438 9.37 -12.72 34.84
C ASN C 438 10.62 -11.85 34.94
N ILE C 439 11.64 -12.15 34.14
CA ILE C 439 12.89 -11.38 34.11
C ILE C 439 12.66 -9.88 33.83
N PHE C 440 11.62 -9.57 33.07
CA PHE C 440 11.35 -8.19 32.71
C PHE C 440 10.69 -7.42 33.85
N MET C 441 10.16 -8.15 34.84
CA MET C 441 9.59 -7.51 36.02
C MET C 441 10.60 -7.45 37.16
N SER C 442 11.24 -8.57 37.43
CA SER C 442 12.23 -8.71 38.48
C SER C 442 13.38 -7.72 38.29
N ASN C 443 13.64 -6.91 39.32
CA ASN C 443 14.75 -5.97 39.25
C ASN C 443 15.53 -5.72 40.57
N SER C 444 15.24 -6.50 41.60
CA SER C 444 15.83 -6.22 42.93
C SER C 444 16.61 -7.39 43.53
N TYR C 445 17.90 -7.18 43.77
CA TYR C 445 18.75 -8.20 44.40
C TYR C 445 18.79 -8.04 45.92
N PRO C 446 18.54 -9.13 46.68
CA PRO C 446 18.30 -10.52 46.27
C PRO C 446 16.83 -10.95 46.28
N ARG C 447 15.93 -10.00 46.52
CA ARG C 447 14.51 -10.29 46.57
C ARG C 447 14.07 -11.07 45.34
N ASP C 448 14.24 -10.45 44.16
CA ASP C 448 13.79 -11.03 42.89
C ASP C 448 14.79 -12.01 42.24
N PHE C 449 15.69 -12.58 43.04
CA PHE C 449 16.76 -13.43 42.48
C PHE C 449 16.82 -14.84 43.05
N VAL C 450 17.22 -15.80 42.20
CA VAL C 450 17.38 -17.22 42.59
C VAL C 450 18.67 -17.80 42.01
N ASN C 451 19.16 -18.91 42.59
CA ASN C 451 20.35 -19.59 42.09
C ASN C 451 20.07 -20.32 40.78
N CYS C 452 21.03 -20.27 39.85
CA CYS C 452 20.95 -20.92 38.54
C CYS C 452 20.68 -22.42 38.60
N SER C 453 21.05 -23.05 39.70
CA SER C 453 20.92 -24.51 39.86
C SER C 453 19.46 -24.98 40.06
N THR C 454 18.57 -24.06 40.43
CA THR C 454 17.15 -24.34 40.69
C THR C 454 16.34 -24.38 39.39
N LEU C 455 16.96 -23.95 38.30
CA LEU C 455 16.31 -23.83 37.01
C LEU C 455 16.69 -25.00 36.09
N PRO C 456 15.69 -25.72 35.54
CA PRO C 456 16.03 -26.82 34.64
C PRO C 456 16.56 -26.32 33.29
N ALA C 457 17.48 -27.06 32.71
CA ALA C 457 18.00 -26.71 31.41
C ALA C 457 17.06 -27.21 30.31
N LEU C 458 17.29 -26.77 29.08
CA LEU C 458 16.53 -27.26 27.93
C LEU C 458 16.82 -28.76 27.70
N ASN C 459 15.76 -29.56 27.61
CA ASN C 459 15.92 -30.98 27.29
C ASN C 459 15.89 -31.18 25.80
N LEU C 460 17.05 -31.47 25.21
CA LEU C 460 17.18 -31.69 23.76
C LEU C 460 16.92 -33.13 23.30
N ALA C 461 16.48 -34.02 24.20
CA ALA C 461 16.16 -35.42 23.84
C ALA C 461 15.37 -35.59 22.52
N SER C 462 14.30 -34.79 22.36
CA SER C 462 13.41 -34.88 21.22
C SER C 462 14.01 -34.42 19.88
N TRP C 463 15.25 -33.93 19.91
CA TRP C 463 16.00 -33.56 18.68
C TRP C 463 16.89 -34.71 18.15
N ARG C 464 16.93 -35.82 18.90
CA ARG C 464 17.63 -37.03 18.47
C ARG C 464 16.92 -37.64 17.27
N GLU C 465 17.61 -37.68 16.12
CA GLU C 465 17.05 -38.30 14.92
C GLU C 465 17.09 -39.82 15.05
N ALA C 466 15.92 -40.41 15.25
CA ALA C 466 15.77 -41.86 15.34
C ALA C 466 16.08 -42.54 14.01
N VAL D 1 12.56 -4.92 -28.86
CA VAL D 1 11.58 -5.92 -29.37
C VAL D 1 10.21 -5.25 -29.60
N ASN D 2 9.73 -5.35 -30.84
CA ASN D 2 8.42 -4.80 -31.24
C ASN D 2 7.30 -5.80 -30.94
N CYS D 3 6.48 -5.51 -29.94
CA CYS D 3 5.41 -6.41 -29.48
C CYS D 3 4.29 -6.56 -30.51
N GLU D 4 4.22 -5.60 -31.43
CA GLU D 4 3.19 -5.57 -32.46
C GLU D 4 3.49 -6.54 -33.62
N THR D 5 4.77 -6.77 -33.93
CA THR D 5 5.13 -7.60 -35.07
C THR D 5 5.91 -8.86 -34.67
N SER D 6 6.53 -8.83 -33.50
CA SER D 6 7.30 -9.97 -33.00
C SER D 6 6.49 -10.74 -31.95
N CYS D 7 6.65 -12.07 -31.94
CA CYS D 7 6.03 -12.95 -30.94
C CYS D 7 7.03 -13.41 -29.89
N VAL D 8 8.21 -12.77 -29.88
CA VAL D 8 9.28 -13.10 -28.94
C VAL D 8 8.94 -12.49 -27.58
N GLN D 9 9.01 -13.32 -26.54
CA GLN D 9 8.74 -12.87 -25.17
C GLN D 9 9.96 -12.17 -24.55
N GLN D 10 10.09 -10.88 -24.83
CA GLN D 10 11.14 -10.02 -24.27
C GLN D 10 10.56 -8.64 -23.91
N PRO D 11 11.06 -8.00 -22.83
CA PRO D 11 10.51 -6.69 -22.40
C PRO D 11 10.48 -5.64 -23.53
N PRO D 12 9.38 -4.84 -23.64
CA PRO D 12 8.25 -4.75 -22.72
C PRO D 12 7.05 -5.62 -23.12
N CYS D 13 7.32 -6.70 -23.87
CA CYS D 13 6.27 -7.58 -24.37
C CYS D 13 5.96 -8.76 -23.45
N PHE D 14 4.74 -9.27 -23.58
CA PHE D 14 4.28 -10.48 -22.89
C PHE D 14 3.18 -11.08 -23.77
N PRO D 15 3.55 -11.56 -24.98
CA PRO D 15 2.55 -12.04 -25.95
C PRO D 15 1.78 -13.27 -25.45
N LEU D 16 0.51 -13.35 -25.82
CA LEU D 16 -0.31 -14.49 -25.42
C LEU D 16 -0.04 -15.60 -26.42
N LYS D 17 0.38 -16.76 -25.90
CA LYS D 17 0.64 -17.94 -26.73
C LYS D 17 -0.66 -18.53 -27.26
N ILE D 18 -0.56 -19.29 -28.34
CA ILE D 18 -1.73 -19.89 -28.99
C ILE D 18 -1.81 -21.39 -28.64
N PRO D 19 -3.00 -21.85 -28.18
CA PRO D 19 -3.18 -23.27 -27.88
C PRO D 19 -3.35 -24.11 -29.15
N PRO D 20 -3.05 -25.42 -29.08
CA PRO D 20 -3.32 -26.27 -30.25
C PRO D 20 -4.82 -26.40 -30.51
N ASN D 21 -5.20 -26.57 -31.77
CA ASN D 21 -6.62 -26.69 -32.19
C ASN D 21 -7.45 -25.43 -31.92
N ASP D 22 -6.79 -24.28 -32.00
CA ASP D 22 -7.41 -22.96 -31.87
C ASP D 22 -8.40 -22.72 -33.04
N PRO D 23 -9.60 -22.20 -32.73
CA PRO D 23 -10.62 -22.02 -33.75
C PRO D 23 -10.29 -20.98 -34.85
N ARG D 24 -9.20 -20.22 -34.65
CA ARG D 24 -8.84 -19.15 -35.59
C ARG D 24 -7.37 -19.18 -35.96
N ILE D 25 -6.50 -19.11 -34.95
CA ILE D 25 -5.06 -18.96 -35.16
C ILE D 25 -4.44 -20.35 -35.30
N LYS D 26 -4.24 -20.77 -36.55
CA LYS D 26 -3.80 -22.12 -36.89
C LYS D 26 -2.31 -22.33 -36.64
N ASN D 27 -1.56 -21.24 -36.71
CA ASN D 27 -0.12 -21.26 -36.55
C ASN D 27 0.29 -20.99 -35.09
N GLN D 28 0.76 -22.03 -34.39
CA GLN D 28 1.14 -21.91 -32.99
C GLN D 28 2.44 -21.14 -32.76
N ALA D 29 3.09 -20.75 -33.84
CA ALA D 29 4.28 -19.90 -33.76
C ALA D 29 3.85 -18.44 -33.71
N ASP D 30 2.59 -18.20 -34.03
CA ASP D 30 1.98 -16.88 -33.97
C ASP D 30 1.57 -16.58 -32.51
N CYS D 31 0.90 -15.44 -32.30
CA CYS D 31 0.53 -14.97 -30.96
C CYS D 31 -0.38 -13.77 -31.05
N ILE D 32 -0.99 -13.43 -29.93
CA ILE D 32 -1.72 -12.18 -29.80
C ILE D 32 -0.75 -11.22 -29.12
N PRO D 33 -0.51 -10.05 -29.75
CA PRO D 33 0.40 -9.02 -29.22
C PRO D 33 -0.04 -8.49 -27.87
N PHE D 34 0.94 -8.11 -27.05
CA PHE D 34 0.68 -7.63 -25.70
C PHE D 34 1.88 -6.83 -25.14
N PHE D 35 1.62 -5.57 -24.77
CA PHE D 35 2.61 -4.70 -24.15
C PHE D 35 2.37 -4.69 -22.64
N ARG D 36 3.36 -5.09 -21.84
CA ARG D 36 3.26 -4.96 -20.39
C ARG D 36 2.99 -3.49 -20.00
N SER D 37 2.12 -3.26 -19.01
CA SER D 37 1.85 -1.91 -18.53
C SER D 37 3.13 -1.28 -18.04
N PRO D 39 5.80 0.27 -15.71
CA PRO D 39 6.03 0.17 -14.27
C PRO D 39 6.14 1.54 -13.64
N ALA D 40 5.75 1.62 -12.36
CA ALA D 40 5.82 2.85 -11.57
C ALA D 40 7.27 3.20 -11.24
N CYS D 41 8.09 2.17 -11.06
CA CYS D 41 9.52 2.35 -10.77
C CYS D 41 10.40 1.45 -11.68
N PRO D 42 10.68 1.91 -12.91
CA PRO D 42 11.39 1.07 -13.89
C PRO D 42 12.79 0.56 -13.46
N GLY D 43 13.01 -0.73 -13.67
CA GLY D 43 14.29 -1.38 -13.41
C GLY D 43 14.68 -1.51 -11.94
N SER D 44 13.71 -1.48 -11.05
CA SER D 44 14.01 -1.58 -9.63
C SER D 44 14.21 -3.03 -9.19
N ASN D 45 15.26 -3.23 -8.40
CA ASN D 45 15.43 -4.48 -7.68
C ASN D 45 14.98 -4.34 -6.22
N ILE D 46 14.28 -3.24 -5.92
CA ILE D 46 13.73 -3.02 -4.57
C ILE D 46 12.19 -3.05 -4.54
N THR D 47 11.57 -2.20 -5.35
CA THR D 47 10.10 -2.08 -5.34
C THR D 47 9.43 -3.30 -5.93
N ILE D 48 8.20 -3.56 -5.51
CA ILE D 48 7.34 -4.58 -6.12
C ILE D 48 6.55 -3.90 -7.24
N ARG D 49 6.66 -4.44 -8.46
CA ARG D 49 6.10 -3.82 -9.68
C ARG D 49 4.63 -3.46 -9.56
N ASN D 50 4.33 -2.18 -9.78
CA ASN D 50 2.99 -1.63 -9.73
C ASN D 50 2.78 -0.75 -10.98
N GLN D 51 1.51 -0.52 -11.33
CA GLN D 51 1.17 0.18 -12.58
C GLN D 51 0.64 1.59 -12.29
N ILE D 52 0.53 2.40 -13.34
CA ILE D 52 0.24 3.83 -13.22
C ILE D 52 -1.15 4.14 -13.73
N ASN D 53 -1.87 5.01 -13.01
CA ASN D 53 -3.12 5.57 -13.53
C ASN D 53 -2.82 6.91 -14.19
N ALA D 54 -3.08 7.03 -15.50
CA ALA D 54 -2.80 8.27 -16.20
C ALA D 54 -3.87 9.33 -15.99
N LEU D 55 -4.97 8.97 -15.31
CA LEU D 55 -6.13 9.85 -15.13
C LEU D 55 -6.42 10.17 -13.67
N THR D 56 -7.28 11.18 -13.42
CA THR D 56 -7.74 11.44 -12.06
C THR D 56 -8.75 10.36 -11.72
N SER D 57 -8.56 9.71 -10.58
CA SER D 57 -9.50 8.68 -10.12
C SER D 57 -10.92 9.24 -9.92
N PHE D 58 -11.03 10.54 -9.59
CA PHE D 58 -12.31 11.15 -9.30
C PHE D 58 -13.27 11.12 -10.48
N VAL D 59 -14.56 11.06 -10.17
CA VAL D 59 -15.61 11.18 -11.16
C VAL D 59 -15.78 12.68 -11.40
N ASP D 60 -14.93 13.22 -12.26
CA ASP D 60 -14.86 14.66 -12.47
C ASP D 60 -14.87 15.02 -13.94
N ALA D 61 -15.44 14.14 -14.76
CA ALA D 61 -15.50 14.33 -16.21
C ALA D 61 -14.12 14.61 -16.86
N SER D 62 -13.06 13.98 -16.33
CA SER D 62 -11.73 14.17 -16.90
C SER D 62 -11.63 13.60 -18.33
N MET D 63 -12.54 12.70 -18.70
CA MET D 63 -12.57 12.20 -20.08
C MET D 63 -12.97 13.32 -21.04
N VAL D 64 -13.60 14.36 -20.49
CA VAL D 64 -13.99 15.55 -21.24
C VAL D 64 -12.90 16.63 -21.18
N TYR D 65 -12.35 16.88 -19.98
CA TYR D 65 -11.43 18.02 -19.78
C TYR D 65 -9.93 17.72 -19.79
N GLY D 66 -9.57 16.45 -19.65
CA GLY D 66 -8.17 16.04 -19.52
C GLY D 66 -7.70 15.95 -18.08
N SER D 67 -6.56 15.28 -17.89
CA SER D 67 -5.95 15.07 -16.57
C SER D 67 -4.52 15.63 -16.47
N GLU D 68 -4.07 16.34 -17.51
CA GLU D 68 -2.75 16.98 -17.58
C GLU D 68 -2.88 18.38 -18.15
N GLU D 69 -2.08 19.32 -17.64
CA GLU D 69 -2.19 20.74 -17.99
C GLU D 69 -2.01 21.14 -19.45
N PRO D 70 -1.03 20.53 -20.19
CA PRO D 70 -0.88 20.87 -21.63
C PRO D 70 -2.16 20.60 -22.43
N LEU D 71 -2.62 19.35 -22.39
CA LEU D 71 -3.90 18.92 -23.00
C LEU D 71 -5.12 19.75 -22.58
N ALA D 72 -5.30 19.96 -21.28
CA ALA D 72 -6.47 20.66 -20.78
C ALA D 72 -6.60 22.05 -21.41
N ARG D 73 -5.47 22.73 -21.56
CA ARG D 73 -5.39 24.01 -22.26
C ARG D 73 -5.73 23.86 -23.74
N ASN D 74 -5.10 22.90 -24.42
CA ASN D 74 -5.33 22.69 -25.85
C ASN D 74 -6.74 22.21 -26.22
N LEU D 75 -7.51 21.75 -25.23
CA LEU D 75 -8.89 21.33 -25.46
C LEU D 75 -9.89 22.49 -25.37
N ARG D 76 -9.40 23.65 -24.90
CA ARG D 76 -10.22 24.86 -24.76
C ARG D 76 -10.12 25.72 -26.00
N ASN D 77 -11.17 26.53 -26.23
CA ASN D 77 -11.21 27.52 -27.30
C ASN D 77 -10.54 28.79 -26.79
N MET D 78 -9.29 29.01 -27.19
CA MET D 78 -8.54 30.19 -26.76
C MET D 78 -8.73 31.39 -27.71
N SER D 79 -9.63 31.26 -28.68
CA SER D 79 -9.92 32.36 -29.63
C SER D 79 -10.93 33.40 -29.12
N ASN D 80 -11.40 33.26 -27.88
CA ASN D 80 -12.36 34.19 -27.25
C ASN D 80 -12.52 33.96 -25.75
N GLN D 81 -13.33 34.81 -25.11
CA GLN D 81 -13.57 34.76 -23.67
C GLN D 81 -14.90 34.09 -23.32
N LEU D 82 -15.38 33.21 -24.19
CA LEU D 82 -16.67 32.57 -23.96
C LEU D 82 -16.58 31.34 -23.03
N GLY D 83 -15.37 30.89 -22.76
CA GLY D 83 -15.13 29.76 -21.85
C GLY D 83 -15.46 28.41 -22.46
N LEU D 84 -15.28 28.31 -23.77
CA LEU D 84 -15.68 27.13 -24.53
C LEU D 84 -14.58 26.07 -24.67
N LEU D 85 -15.01 24.84 -25.00
CA LEU D 85 -14.10 23.78 -25.43
C LEU D 85 -14.03 23.83 -26.95
N ALA D 86 -12.83 23.67 -27.50
CA ALA D 86 -12.63 23.69 -28.95
C ALA D 86 -13.49 22.67 -29.69
N VAL D 87 -14.06 23.08 -30.81
CA VAL D 87 -14.89 22.21 -31.65
C VAL D 87 -14.18 21.93 -32.97
N ASN D 88 -14.64 20.93 -33.71
CA ASN D 88 -14.07 20.58 -35.00
C ASN D 88 -14.03 21.78 -35.95
N GLN D 89 -12.96 21.90 -36.73
CA GLN D 89 -12.78 23.04 -37.66
C GLN D 89 -13.00 22.69 -39.13
N ARG D 90 -13.64 21.55 -39.38
CA ARG D 90 -13.90 21.06 -40.74
C ARG D 90 -15.30 20.51 -40.91
N PHE D 91 -15.88 19.97 -39.84
CA PHE D 91 -17.15 19.26 -39.93
C PHE D 91 -18.15 19.65 -38.84
N GLN D 92 -19.43 19.43 -39.12
CA GLN D 92 -20.52 19.59 -38.16
C GLN D 92 -21.56 18.48 -38.36
N ASP D 93 -22.25 18.11 -37.28
CA ASP D 93 -23.32 17.12 -37.31
C ASP D 93 -24.68 17.86 -37.36
N ASN D 94 -25.14 18.14 -38.58
CA ASN D 94 -26.33 18.97 -38.83
C ASN D 94 -26.25 20.35 -38.15
N GLY D 95 -25.11 21.00 -38.30
CA GLY D 95 -24.88 22.30 -37.67
C GLY D 95 -24.54 22.25 -36.19
N ARG D 96 -24.33 21.04 -35.66
CA ARG D 96 -23.95 20.86 -34.27
C ARG D 96 -22.47 20.44 -34.14
N ALA D 97 -21.89 20.74 -32.98
CA ALA D 97 -20.46 20.59 -32.76
C ALA D 97 -19.97 19.13 -32.71
N LEU D 98 -18.75 18.93 -33.20
CA LEU D 98 -18.04 17.66 -33.09
C LEU D 98 -16.72 17.85 -32.32
N LEU D 99 -16.06 16.74 -31.95
CA LEU D 99 -14.73 16.80 -31.33
C LEU D 99 -13.66 17.24 -32.34
N PRO D 100 -12.62 17.97 -31.88
CA PRO D 100 -11.57 18.31 -32.82
C PRO D 100 -10.81 17.07 -33.25
N PHE D 101 -10.10 17.15 -34.38
CA PHE D 101 -9.27 16.07 -34.83
C PHE D 101 -7.94 16.01 -34.09
N ASP D 102 -7.28 14.86 -34.16
CA ASP D 102 -6.02 14.64 -33.48
C ASP D 102 -4.87 14.62 -34.48
N ASN D 103 -3.69 14.99 -33.98
CA ASN D 103 -2.46 14.95 -34.74
C ASN D 103 -1.58 13.82 -34.19
N LEU D 104 -2.01 12.57 -34.41
CA LEU D 104 -1.24 11.39 -34.00
C LEU D 104 -0.30 10.96 -35.12
N HIS D 105 0.90 10.52 -34.74
CA HIS D 105 1.91 10.04 -35.67
C HIS D 105 1.39 8.83 -36.46
N ASP D 106 0.93 7.80 -35.74
CA ASP D 106 0.29 6.63 -36.34
C ASP D 106 -1.17 6.60 -35.90
N ASP D 107 -2.01 7.29 -36.67
CA ASP D 107 -3.44 7.40 -36.38
C ASP D 107 -4.16 6.12 -36.82
N PRO D 108 -4.78 5.39 -35.86
CA PRO D 108 -5.48 4.15 -36.20
C PRO D 108 -6.79 4.36 -36.95
N CYS D 109 -7.44 5.49 -36.71
CA CYS D 109 -8.72 5.78 -37.34
C CYS D 109 -8.66 5.86 -38.87
N LEU D 110 -7.51 6.29 -39.40
CA LEU D 110 -7.28 6.36 -40.85
C LEU D 110 -7.26 4.98 -41.52
N LEU D 111 -7.00 3.95 -40.73
CA LEU D 111 -6.85 2.58 -41.23
C LEU D 111 -8.18 1.86 -41.34
N THR D 112 -9.23 2.40 -40.73
CA THR D 112 -10.55 1.77 -40.81
C THR D 112 -11.18 1.96 -42.19
N ASN D 113 -10.87 3.09 -42.82
CA ASN D 113 -11.34 3.44 -44.15
C ASN D 113 -10.29 4.36 -44.75
N ARG D 114 -9.51 3.82 -45.67
CA ARG D 114 -8.38 4.52 -46.29
C ARG D 114 -8.83 5.78 -47.01
N SER D 115 -9.80 5.63 -47.91
CA SER D 115 -10.22 6.72 -48.81
C SER D 115 -11.00 7.83 -48.13
N ALA D 116 -11.54 7.57 -46.94
CA ALA D 116 -12.34 8.57 -46.22
C ALA D 116 -11.48 9.64 -45.55
N ARG D 117 -10.27 9.24 -45.14
CA ARG D 117 -9.26 10.13 -44.54
C ARG D 117 -9.74 10.90 -43.32
N ILE D 118 -10.49 10.22 -42.44
CA ILE D 118 -10.92 10.83 -41.19
C ILE D 118 -10.03 10.38 -40.03
N PRO D 119 -9.30 11.32 -39.41
CA PRO D 119 -8.41 11.00 -38.28
C PRO D 119 -9.17 10.78 -36.99
N CYS D 120 -8.46 10.34 -35.94
CA CYS D 120 -9.09 10.17 -34.64
C CYS D 120 -9.47 11.52 -34.03
N PHE D 121 -10.37 11.46 -33.06
CA PHE D 121 -10.80 12.64 -32.35
C PHE D 121 -9.86 12.95 -31.19
N LEU D 122 -9.91 14.19 -30.72
CA LEU D 122 -9.13 14.64 -29.56
C LEU D 122 -10.11 14.99 -28.45
N ALA D 123 -9.93 14.36 -27.31
CA ALA D 123 -10.78 14.58 -26.15
C ALA D 123 -9.94 14.53 -24.88
N GLY D 124 -10.59 14.59 -23.72
CA GLY D 124 -9.91 14.52 -22.43
C GLY D 124 -9.17 13.23 -22.18
N ASP D 125 -9.59 12.17 -22.86
CA ASP D 125 -9.00 10.84 -22.75
C ASP D 125 -8.65 10.31 -24.16
N THR D 126 -7.53 9.60 -24.29
CA THR D 126 -6.99 9.17 -25.59
C THR D 126 -7.82 8.11 -26.32
N ARG D 127 -8.89 7.64 -25.71
CA ARG D 127 -9.65 6.49 -26.26
C ARG D 127 -11.02 6.85 -26.81
N SER D 128 -11.28 8.14 -27.02
CA SER D 128 -12.62 8.62 -27.44
C SER D 128 -13.09 8.11 -28.82
N SER D 129 -12.15 7.70 -29.66
CA SER D 129 -12.50 7.20 -30.98
C SER D 129 -12.65 5.67 -31.08
N GLU D 130 -12.47 4.94 -29.97
CA GLU D 130 -12.39 3.45 -29.98
C GLU D 130 -13.60 2.76 -30.57
N MET D 131 -14.79 3.28 -30.26
CA MET D 131 -16.04 2.87 -30.90
C MET D 131 -16.95 4.10 -31.05
N PRO D 132 -17.71 4.20 -32.17
CA PRO D 132 -18.49 5.40 -32.43
C PRO D 132 -19.56 5.71 -31.38
N GLU D 133 -20.01 4.68 -30.66
CA GLU D 133 -20.94 4.86 -29.55
C GLU D 133 -20.29 5.64 -28.41
N LEU D 134 -18.99 5.39 -28.18
CA LEU D 134 -18.22 6.10 -27.17
C LEU D 134 -17.97 7.54 -27.62
N THR D 135 -17.49 7.69 -28.86
CA THR D 135 -17.35 8.99 -29.50
C THR D 135 -18.62 9.86 -29.33
N SER D 136 -19.80 9.25 -29.50
CA SER D 136 -21.06 9.97 -29.40
C SER D 136 -21.31 10.52 -28.00
N MET D 137 -20.87 9.79 -26.98
CA MET D 137 -20.98 10.26 -25.59
C MET D 137 -20.02 11.41 -25.27
N HIS D 138 -18.80 11.34 -25.82
CA HIS D 138 -17.81 12.39 -25.64
C HIS D 138 -18.32 13.70 -26.25
N THR D 139 -18.80 13.59 -27.48
CA THR D 139 -19.38 14.69 -28.24
C THR D 139 -20.57 15.29 -27.48
N LEU D 140 -21.41 14.42 -26.91
CA LEU D 140 -22.58 14.86 -26.16
C LEU D 140 -22.20 15.78 -24.99
N LEU D 141 -21.25 15.33 -24.16
CA LEU D 141 -20.83 16.10 -22.99
C LEU D 141 -20.11 17.40 -23.38
N LEU D 142 -19.25 17.34 -24.39
CA LEU D 142 -18.64 18.54 -24.98
C LEU D 142 -19.67 19.59 -25.42
N ARG D 143 -20.80 19.14 -25.96
CA ARG D 143 -21.85 20.07 -26.36
C ARG D 143 -22.48 20.70 -25.14
N GLU D 144 -22.74 19.87 -24.13
CA GLU D 144 -23.33 20.34 -22.86
C GLU D 144 -22.45 21.37 -22.14
N HIS D 145 -21.12 21.23 -22.26
CA HIS D 145 -20.22 22.24 -21.70
C HIS D 145 -20.44 23.58 -22.39
N ASN D 146 -20.27 23.59 -23.72
CA ASN D 146 -20.49 24.78 -24.52
C ASN D 146 -21.89 25.38 -24.41
N ARG D 147 -22.89 24.55 -24.14
CA ARG D 147 -24.25 25.02 -23.87
C ARG D 147 -24.36 25.72 -22.52
N LEU D 148 -23.73 25.13 -21.49
CA LEU D 148 -23.74 25.68 -20.14
C LEU D 148 -22.94 26.98 -20.02
N ALA D 149 -21.80 27.05 -20.70
CA ALA D 149 -20.97 28.25 -20.74
C ALA D 149 -21.70 29.41 -21.43
N THR D 150 -22.46 29.11 -22.49
CA THR D 150 -23.28 30.08 -23.20
C THR D 150 -24.37 30.69 -22.29
N GLU D 151 -25.14 29.81 -21.63
CA GLU D 151 -26.25 30.22 -20.78
C GLU D 151 -25.75 30.96 -19.54
N LEU D 152 -24.55 30.62 -19.09
CA LEU D 152 -23.95 31.28 -17.92
C LEU D 152 -23.40 32.66 -18.26
N LYS D 153 -23.04 32.87 -19.54
CA LYS D 153 -22.61 34.17 -20.01
C LYS D 153 -23.77 35.16 -20.00
N SER D 154 -24.96 34.69 -20.35
CA SER D 154 -26.16 35.53 -20.35
C SER D 154 -26.65 35.83 -18.96
N LEU D 155 -26.52 34.84 -18.06
CA LEU D 155 -26.94 34.99 -16.67
C LEU D 155 -25.93 35.76 -15.83
N ASN D 156 -24.65 35.67 -16.19
CA ASN D 156 -23.58 36.40 -15.49
C ASN D 156 -22.63 37.05 -16.50
N PRO D 157 -22.91 38.32 -16.88
CA PRO D 157 -22.15 39.01 -17.94
C PRO D 157 -20.74 39.43 -17.54
N ARG D 158 -20.49 39.64 -16.25
CA ARG D 158 -19.15 40.02 -15.75
C ARG D 158 -18.08 38.92 -15.87
N TRP D 159 -18.54 37.67 -15.86
CA TRP D 159 -17.71 36.46 -15.93
C TRP D 159 -16.85 36.35 -17.19
N ASP D 160 -15.56 36.05 -16.99
CA ASP D 160 -14.61 35.88 -18.09
C ASP D 160 -14.45 34.40 -18.48
N GLY D 161 -13.65 34.13 -19.50
CA GLY D 161 -13.43 32.79 -20.04
C GLY D 161 -13.14 31.72 -18.99
N GLU D 162 -12.16 32.01 -18.14
CA GLU D 162 -11.80 31.16 -17.00
C GLU D 162 -13.00 30.83 -16.10
N ARG D 163 -13.75 31.85 -15.67
CA ARG D 163 -14.88 31.66 -14.77
C ARG D 163 -15.99 30.83 -15.42
N LEU D 164 -16.25 31.11 -16.70
CA LEU D 164 -17.27 30.40 -17.47
C LEU D 164 -16.91 28.93 -17.64
N TYR D 165 -15.66 28.67 -18.02
CA TYR D 165 -15.17 27.30 -18.23
C TYR D 165 -15.20 26.48 -16.94
N GLN D 166 -14.68 27.05 -15.87
CA GLN D 166 -14.63 26.37 -14.59
C GLN D 166 -16.02 26.07 -14.06
N GLU D 167 -16.94 27.01 -14.22
CA GLU D 167 -18.31 26.83 -13.74
C GLU D 167 -19.08 25.78 -14.57
N ALA D 168 -18.86 25.77 -15.89
CA ALA D 168 -19.45 24.76 -16.79
C ALA D 168 -18.81 23.39 -16.59
N ARG D 169 -17.53 23.37 -16.24
CA ARG D 169 -16.80 22.13 -15.91
C ARG D 169 -17.32 21.52 -14.61
N LYS D 170 -17.57 22.39 -13.63
CA LYS D 170 -18.10 22.00 -12.33
C LYS D 170 -19.51 21.42 -12.46
N ILE D 171 -20.27 21.92 -13.43
CA ILE D 171 -21.60 21.38 -13.67
C ILE D 171 -21.52 20.02 -14.36
N VAL D 172 -20.80 19.94 -15.49
CA VAL D 172 -20.70 18.67 -16.24
C VAL D 172 -20.22 17.54 -15.31
N GLY D 173 -19.14 17.81 -14.58
CA GLY D 173 -18.60 16.91 -13.57
C GLY D 173 -19.65 16.41 -12.60
N ALA D 174 -20.52 17.30 -12.12
CA ALA D 174 -21.60 16.91 -11.21
C ALA D 174 -22.65 16.06 -11.92
N MET D 175 -22.93 16.37 -13.19
CA MET D 175 -23.88 15.58 -14.00
C MET D 175 -23.39 14.16 -14.24
N VAL D 176 -22.08 14.01 -14.47
CA VAL D 176 -21.48 12.67 -14.61
C VAL D 176 -21.69 11.89 -13.31
N GLN D 177 -21.56 12.57 -12.16
CA GLN D 177 -21.70 11.95 -10.85
C GLN D 177 -23.13 11.49 -10.55
N ILE D 178 -24.09 12.37 -10.85
CA ILE D 178 -25.49 12.08 -10.58
C ILE D 178 -25.96 10.85 -11.37
N ILE D 179 -25.73 10.87 -12.68
CA ILE D 179 -26.07 9.77 -13.57
C ILE D 179 -25.40 8.47 -13.13
N THR D 180 -24.11 8.53 -12.82
CA THR D 180 -23.35 7.38 -12.33
C THR D 180 -23.96 6.80 -11.05
N TYR D 181 -24.14 7.61 -10.03
CA TYR D 181 -24.57 7.08 -8.74
C TYR D 181 -26.07 6.85 -8.62
N ARG D 182 -26.87 7.79 -9.16
CA ARG D 182 -28.32 7.71 -9.04
C ARG D 182 -28.93 6.64 -9.96
N ASP D 183 -28.44 6.58 -11.21
CA ASP D 183 -29.03 5.70 -12.24
C ASP D 183 -28.17 4.47 -12.60
N TYR D 184 -26.90 4.68 -12.90
CA TYR D 184 -26.02 3.59 -13.31
C TYR D 184 -25.71 2.55 -12.20
N LEU D 185 -25.08 2.97 -11.11
CA LEU D 185 -24.59 2.01 -10.11
C LEU D 185 -25.61 1.07 -9.46
N PRO D 186 -26.83 1.56 -9.11
CA PRO D 186 -27.82 0.59 -8.59
C PRO D 186 -28.17 -0.54 -9.58
N LEU D 187 -28.10 -0.25 -10.87
CA LEU D 187 -28.41 -1.22 -11.93
C LEU D 187 -27.26 -2.20 -12.22
N VAL D 188 -26.04 -1.81 -11.84
CA VAL D 188 -24.88 -2.68 -11.87
C VAL D 188 -24.85 -3.62 -10.65
N LEU D 189 -25.08 -3.05 -9.47
CA LEU D 189 -24.92 -3.78 -8.21
C LEU D 189 -26.16 -4.53 -7.75
N GLY D 190 -27.35 -3.98 -8.01
CA GLY D 190 -28.60 -4.51 -7.46
C GLY D 190 -28.85 -3.92 -6.07
N PRO D 191 -30.10 -4.00 -5.56
CA PRO D 191 -30.46 -3.34 -4.29
C PRO D 191 -29.63 -3.76 -3.06
N THR D 192 -29.43 -5.07 -2.88
CA THR D 192 -28.74 -5.64 -1.73
C THR D 192 -27.30 -5.15 -1.60
N ALA D 193 -26.58 -5.16 -2.72
CA ALA D 193 -25.19 -4.73 -2.79
C ALA D 193 -25.08 -3.21 -2.67
N MET D 194 -26.09 -2.50 -3.19
CA MET D 194 -26.17 -1.05 -3.06
C MET D 194 -26.22 -0.65 -1.57
N ARG D 195 -27.16 -1.23 -0.82
CA ARG D 195 -27.29 -0.94 0.61
C ARG D 195 -26.01 -1.27 1.39
N LYS D 196 -25.36 -2.37 1.02
CA LYS D 196 -24.19 -2.88 1.72
C LYS D 196 -22.94 -2.00 1.47
N TYR D 197 -22.64 -1.75 0.20
CA TYR D 197 -21.38 -1.14 -0.22
C TYR D 197 -21.46 0.36 -0.43
N LEU D 198 -22.63 0.86 -0.81
CA LEU D 198 -22.87 2.30 -0.98
C LEU D 198 -24.00 2.84 -0.08
N PRO D 199 -23.78 2.90 1.24
CA PRO D 199 -24.78 3.50 2.13
C PRO D 199 -25.07 4.94 1.74
N THR D 200 -26.15 5.50 2.26
CA THR D 200 -26.49 6.91 2.05
C THR D 200 -25.33 7.86 2.42
N TYR D 201 -24.93 8.68 1.45
CA TYR D 201 -23.90 9.69 1.65
C TYR D 201 -24.17 10.56 2.89
N ARG D 202 -23.12 10.86 3.64
CA ARG D 202 -23.22 11.75 4.80
C ARG D 202 -22.46 13.05 4.53
N SER D 203 -21.13 12.99 4.51
CA SER D 203 -20.28 14.11 4.07
C SER D 203 -18.90 13.62 3.66
N TYR D 204 -18.01 14.54 3.34
CA TYR D 204 -16.67 14.24 2.89
C TYR D 204 -15.79 13.80 4.05
N ASN D 205 -15.06 12.72 3.82
CA ASN D 205 -14.16 12.15 4.80
C ASN D 205 -12.72 12.20 4.22
N ASP D 206 -11.86 12.99 4.85
CA ASP D 206 -10.51 13.20 4.32
C ASP D 206 -9.55 12.03 4.63
N SER D 207 -10.08 11.01 5.30
CA SER D 207 -9.34 9.79 5.66
C SER D 207 -9.68 8.62 4.74
N VAL D 208 -10.53 8.86 3.75
CA VAL D 208 -10.90 7.83 2.77
C VAL D 208 -10.02 8.00 1.52
N ASP D 209 -9.26 6.95 1.20
CA ASP D 209 -8.36 6.96 0.05
C ASP D 209 -9.15 6.91 -1.27
N PRO D 210 -9.09 7.98 -2.09
CA PRO D 210 -9.87 7.97 -3.32
C PRO D 210 -9.18 7.33 -4.54
N ARG D 211 -7.98 6.78 -4.34
CA ARG D 211 -7.23 6.12 -5.45
C ARG D 211 -7.94 4.88 -6.02
N ILE D 212 -7.83 4.70 -7.35
CA ILE D 212 -8.31 3.50 -8.03
C ILE D 212 -7.40 2.33 -7.64
N ALA D 213 -8.01 1.25 -7.14
CA ALA D 213 -7.28 0.02 -6.81
C ALA D 213 -6.92 -0.73 -8.08
N ASN D 214 -5.71 -1.26 -8.11
CA ASN D 214 -5.18 -1.94 -9.30
C ASN D 214 -6.21 -2.95 -9.84
N VAL D 215 -6.90 -3.63 -8.94
CA VAL D 215 -7.83 -4.70 -9.29
C VAL D 215 -9.05 -4.19 -10.04
N PHE D 216 -9.47 -2.96 -9.74
CA PHE D 216 -10.62 -2.34 -10.39
C PHE D 216 -10.38 -2.18 -11.91
N THR D 217 -9.13 -1.93 -12.29
CA THR D 217 -8.80 -1.80 -13.71
C THR D 217 -9.16 -3.08 -14.48
N ASN D 218 -9.17 -4.21 -13.78
CA ASN D 218 -9.56 -5.49 -14.36
C ASN D 218 -11.03 -5.84 -14.06
N ALA D 219 -11.44 -5.69 -12.80
CA ALA D 219 -12.80 -6.05 -12.38
C ALA D 219 -13.90 -5.28 -13.11
N PHE D 220 -13.69 -3.99 -13.33
CA PHE D 220 -14.71 -3.17 -14.01
C PHE D 220 -14.85 -3.53 -15.50
N ARG D 221 -13.96 -4.40 -16.00
CA ARG D 221 -14.05 -4.93 -17.37
C ARG D 221 -15.15 -5.98 -17.51
N TYR D 222 -16.06 -6.02 -16.53
CA TYR D 222 -17.20 -6.91 -16.56
C TYR D 222 -18.09 -6.44 -17.71
N GLY D 223 -18.02 -5.15 -18.00
CA GLY D 223 -18.81 -4.52 -19.07
C GLY D 223 -18.56 -5.11 -20.44
N HIS D 224 -17.41 -5.77 -20.61
CA HIS D 224 -17.14 -6.49 -21.84
C HIS D 224 -18.17 -7.59 -22.08
N THR D 225 -18.84 -8.04 -21.01
CA THR D 225 -19.91 -9.06 -21.12
C THR D 225 -21.29 -8.49 -21.54
N LEU D 226 -21.38 -7.17 -21.63
CA LEU D 226 -22.61 -6.46 -22.01
C LEU D 226 -22.66 -6.05 -23.49
N ILE D 227 -21.53 -6.23 -24.18
CA ILE D 227 -21.33 -5.79 -25.56
C ILE D 227 -22.14 -6.61 -26.58
N GLN D 228 -22.93 -5.91 -27.40
CA GLN D 228 -23.62 -6.51 -28.54
C GLN D 228 -22.65 -6.60 -29.73
N PRO D 229 -22.83 -7.60 -30.63
CA PRO D 229 -21.88 -7.72 -31.74
C PRO D 229 -22.01 -6.68 -32.87
N PHE D 230 -22.96 -5.75 -32.75
CA PHE D 230 -23.20 -4.72 -33.77
C PHE D 230 -23.29 -3.32 -33.19
N MET D 231 -23.04 -2.32 -34.03
CA MET D 231 -23.48 -0.95 -33.76
C MET D 231 -24.86 -0.74 -34.42
N PHE D 232 -25.85 -0.33 -33.64
CA PHE D 232 -27.23 -0.21 -34.13
C PHE D 232 -27.61 1.23 -34.44
N ARG D 233 -27.95 1.51 -35.69
CA ARG D 233 -28.35 2.86 -36.10
C ARG D 233 -29.83 2.95 -36.45
N LEU D 234 -30.51 3.92 -35.85
CA LEU D 234 -31.95 4.10 -35.99
C LEU D 234 -32.27 5.52 -36.46
N ASP D 235 -33.30 5.67 -37.30
CA ASP D 235 -33.69 7.00 -37.80
C ASP D 235 -34.65 7.74 -36.86
N ASN D 236 -35.16 8.90 -37.31
CA ASN D 236 -35.96 9.78 -36.46
C ASN D 236 -37.26 9.17 -35.91
N ARG D 237 -37.69 8.06 -36.50
CA ARG D 237 -38.87 7.34 -36.02
C ARG D 237 -38.46 6.01 -35.34
N TYR D 238 -37.16 5.90 -35.05
CA TYR D 238 -36.56 4.76 -34.35
C TYR D 238 -36.63 3.44 -35.13
N GLN D 239 -36.65 3.53 -36.45
CA GLN D 239 -36.64 2.35 -37.31
C GLN D 239 -35.23 2.15 -37.85
N PRO D 240 -34.85 0.89 -38.18
CA PRO D 240 -33.53 0.65 -38.72
C PRO D 240 -33.16 1.65 -39.82
N MET D 241 -31.98 2.25 -39.70
CA MET D 241 -31.52 3.25 -40.67
C MET D 241 -30.79 2.56 -41.80
N GLU D 242 -31.23 2.82 -43.04
CA GLU D 242 -30.67 2.16 -44.23
C GLU D 242 -29.56 2.97 -44.88
N PRO D 243 -28.54 2.29 -45.46
CA PRO D 243 -28.46 0.85 -45.72
C PRO D 243 -27.63 0.01 -44.72
N ASN D 244 -27.12 0.63 -43.66
CA ASN D 244 -26.34 -0.13 -42.67
C ASN D 244 -26.85 0.01 -41.22
N PRO D 245 -28.02 -0.62 -40.93
CA PRO D 245 -28.61 -0.50 -39.59
C PRO D 245 -27.87 -1.27 -38.50
N ARG D 246 -27.12 -2.30 -38.89
CA ARG D 246 -26.41 -3.15 -37.95
C ARG D 246 -24.99 -3.41 -38.45
N VAL D 247 -24.05 -2.57 -38.04
CA VAL D 247 -22.66 -2.70 -38.46
C VAL D 247 -21.86 -3.62 -37.53
N PRO D 248 -21.30 -4.71 -38.08
CA PRO D 248 -20.50 -5.60 -37.24
C PRO D 248 -19.48 -4.80 -36.45
N LEU D 249 -19.33 -5.14 -35.17
CA LEU D 249 -18.46 -4.37 -34.26
C LEU D 249 -16.98 -4.33 -34.66
N SER D 250 -16.51 -5.33 -35.41
CA SER D 250 -15.13 -5.35 -35.91
C SER D 250 -14.88 -4.38 -37.09
N ARG D 251 -15.93 -3.74 -37.60
CA ARG D 251 -15.80 -2.71 -38.63
C ARG D 251 -16.04 -1.29 -38.08
N VAL D 252 -16.33 -1.19 -36.77
CA VAL D 252 -16.57 0.11 -36.12
C VAL D 252 -15.42 0.56 -35.20
N PHE D 253 -14.56 -0.36 -34.80
CA PHE D 253 -13.46 -0.01 -33.92
C PHE D 253 -12.60 1.05 -34.60
N PHE D 254 -12.38 2.17 -33.92
CA PHE D 254 -11.65 3.32 -34.45
C PHE D 254 -12.23 3.87 -35.78
N ALA D 255 -13.48 3.57 -36.08
CA ALA D 255 -14.11 4.08 -37.30
C ALA D 255 -14.68 5.48 -37.08
N SER D 256 -13.78 6.45 -36.93
CA SER D 256 -14.15 7.85 -36.70
C SER D 256 -14.90 8.43 -37.90
N TRP D 257 -14.62 7.87 -39.09
CA TRP D 257 -15.26 8.28 -40.35
C TRP D 257 -16.76 8.02 -40.36
N ARG D 258 -17.24 7.07 -39.57
CA ARG D 258 -18.67 6.76 -39.53
C ARG D 258 -19.45 7.85 -38.83
N VAL D 259 -18.82 8.52 -37.86
CA VAL D 259 -19.46 9.62 -37.15
C VAL D 259 -19.58 10.80 -38.12
N VAL D 260 -18.49 11.11 -38.79
CA VAL D 260 -18.42 12.25 -39.70
C VAL D 260 -19.25 12.05 -40.99
N LEU D 261 -19.08 10.91 -41.67
CA LEU D 261 -19.69 10.68 -42.98
C LEU D 261 -21.01 9.88 -43.00
N GLU D 262 -21.35 9.17 -41.92
CA GLU D 262 -22.53 8.31 -41.96
C GLU D 262 -23.66 8.72 -41.03
N GLY D 263 -23.89 10.03 -40.91
CA GLY D 263 -25.11 10.57 -40.31
C GLY D 263 -25.04 11.18 -38.92
N GLY D 264 -23.82 11.44 -38.45
CA GLY D 264 -23.62 12.03 -37.12
C GLY D 264 -23.92 11.13 -35.94
N ILE D 265 -24.24 11.73 -34.80
CA ILE D 265 -24.35 10.99 -33.55
C ILE D 265 -25.77 10.65 -33.11
N ASP D 266 -26.77 11.21 -33.81
CA ASP D 266 -28.18 10.97 -33.48
C ASP D 266 -28.65 9.50 -33.72
N PRO D 267 -28.36 8.91 -34.91
CA PRO D 267 -28.73 7.50 -35.13
C PRO D 267 -28.02 6.56 -34.17
N ILE D 268 -26.86 6.98 -33.68
CA ILE D 268 -26.08 6.20 -32.72
C ILE D 268 -26.71 6.25 -31.31
N LEU D 269 -27.00 7.44 -30.81
CA LEU D 269 -27.60 7.58 -29.49
C LEU D 269 -28.98 6.92 -29.41
N ARG D 270 -29.75 7.05 -30.49
CA ARG D 270 -31.06 6.40 -30.61
C ARG D 270 -30.91 4.88 -30.56
N GLY D 271 -29.93 4.36 -31.30
CA GLY D 271 -29.62 2.94 -31.30
C GLY D 271 -29.14 2.41 -29.95
N LEU D 272 -28.46 3.25 -29.19
CA LEU D 272 -28.00 2.91 -27.84
C LEU D 272 -29.18 2.86 -26.86
N MET D 273 -30.14 3.78 -27.04
CA MET D 273 -31.32 3.88 -26.18
C MET D 273 -32.38 2.82 -26.41
N ALA D 274 -32.57 2.40 -27.67
CA ALA D 274 -33.69 1.55 -28.06
C ALA D 274 -33.30 0.12 -28.48
N THR D 275 -32.07 -0.27 -28.14
CA THR D 275 -31.58 -1.64 -28.33
C THR D 275 -31.17 -2.23 -26.97
N PRO D 276 -31.55 -3.49 -26.70
CA PRO D 276 -31.11 -4.10 -25.44
C PRO D 276 -29.60 -4.34 -25.42
N ALA D 277 -29.02 -4.31 -24.23
CA ALA D 277 -27.65 -4.76 -24.05
C ALA D 277 -27.60 -6.28 -24.15
N LYS D 278 -26.40 -6.84 -24.24
CA LYS D 278 -26.21 -8.28 -24.13
C LYS D 278 -26.31 -8.66 -22.65
N LEU D 279 -26.95 -9.78 -22.34
CA LEU D 279 -26.97 -10.27 -20.96
C LEU D 279 -25.77 -11.17 -20.71
N ASN D 280 -25.15 -11.02 -19.54
CA ASN D 280 -24.10 -11.94 -19.15
C ASN D 280 -24.75 -13.24 -18.63
N ARG D 281 -24.56 -14.31 -19.39
CA ARG D 281 -25.03 -15.65 -19.01
C ARG D 281 -23.80 -16.54 -18.90
N GLN D 282 -23.86 -17.59 -18.09
CA GLN D 282 -22.66 -18.40 -17.78
C GLN D 282 -22.07 -19.18 -18.97
N ASN D 283 -22.92 -19.47 -19.96
CA ASN D 283 -22.48 -20.11 -21.21
C ASN D 283 -22.49 -19.13 -22.38
N GLN D 284 -22.73 -17.85 -22.08
CA GLN D 284 -22.75 -16.80 -23.10
C GLN D 284 -22.02 -15.56 -22.56
N ILE D 285 -20.73 -15.70 -22.26
CA ILE D 285 -19.98 -14.64 -21.58
C ILE D 285 -19.67 -13.42 -22.47
N ALA D 286 -18.99 -13.62 -23.61
CA ALA D 286 -18.60 -12.50 -24.50
C ALA D 286 -18.55 -12.87 -25.99
N VAL D 287 -19.00 -11.92 -26.82
CA VAL D 287 -19.13 -12.15 -28.27
C VAL D 287 -17.80 -12.24 -29.02
N ASP D 288 -17.79 -12.99 -30.12
CA ASP D 288 -16.57 -13.17 -30.93
C ASP D 288 -16.07 -11.90 -31.65
N GLU D 289 -16.90 -10.87 -31.73
CA GLU D 289 -16.49 -9.59 -32.30
C GLU D 289 -15.38 -8.95 -31.44
N ILE D 290 -15.41 -9.20 -30.14
CA ILE D 290 -14.32 -8.79 -29.24
C ILE D 290 -13.44 -9.97 -28.82
N ARG D 291 -13.99 -11.18 -28.83
CA ARG D 291 -13.21 -12.39 -28.52
C ARG D 291 -12.28 -12.81 -29.67
N GLU D 292 -12.67 -12.55 -30.92
CA GLU D 292 -11.92 -13.04 -32.09
C GLU D 292 -11.45 -11.94 -33.05
N ARG D 293 -12.17 -10.83 -33.12
CA ARG D 293 -11.87 -9.79 -34.14
C ARG D 293 -11.71 -8.37 -33.58
N LEU D 294 -11.19 -8.26 -32.35
CA LEU D 294 -10.98 -6.96 -31.72
C LEU D 294 -9.87 -6.22 -32.44
N PHE D 295 -10.21 -5.01 -32.90
CA PHE D 295 -9.31 -4.15 -33.67
C PHE D 295 -8.75 -4.84 -34.93
N GLU D 296 -9.61 -5.57 -35.65
CA GLU D 296 -9.17 -6.31 -36.83
C GLU D 296 -8.64 -5.40 -37.96
N GLN D 297 -9.27 -4.25 -38.13
CA GLN D 297 -8.94 -3.35 -39.24
C GLN D 297 -7.66 -2.54 -39.02
N VAL D 298 -7.33 -2.29 -37.75
CA VAL D 298 -6.22 -1.38 -37.42
C VAL D 298 -4.92 -2.08 -36.99
N MET D 299 -4.86 -3.41 -37.12
CA MET D 299 -3.62 -4.16 -36.85
C MET D 299 -3.53 -5.54 -37.52
N ARG D 300 -2.38 -6.19 -37.38
CA ARG D 300 -2.00 -7.40 -38.14
C ARG D 300 -2.84 -8.66 -37.90
N ILE D 301 -3.61 -8.65 -36.81
CA ILE D 301 -4.37 -9.82 -36.33
C ILE D 301 -5.48 -9.38 -35.38
N GLY D 302 -6.62 -10.06 -35.45
CA GLY D 302 -7.72 -9.77 -34.55
C GLY D 302 -7.31 -10.15 -33.14
N LEU D 303 -7.61 -9.27 -32.19
CA LEU D 303 -7.32 -9.51 -30.77
C LEU D 303 -8.43 -10.30 -30.05
N ASP D 304 -8.13 -10.79 -28.85
CA ASP D 304 -9.08 -11.49 -28.00
C ASP D 304 -9.20 -10.74 -26.68
N LEU D 305 -10.21 -9.88 -26.55
CA LEU D 305 -10.41 -9.05 -25.36
C LEU D 305 -10.43 -9.83 -24.01
N PRO D 306 -11.32 -10.84 -23.84
CA PRO D 306 -11.31 -11.66 -22.62
C PRO D 306 -9.94 -12.23 -22.25
N ALA D 307 -9.20 -12.72 -23.24
CA ALA D 307 -7.85 -13.24 -23.03
C ALA D 307 -6.85 -12.15 -22.60
N LEU D 308 -7.00 -10.95 -23.17
CA LEU D 308 -6.18 -9.81 -22.78
C LEU D 308 -6.42 -9.43 -21.32
N ASN D 309 -7.70 -9.44 -20.92
CA ASN D 309 -8.09 -9.15 -19.54
C ASN D 309 -7.35 -10.05 -18.57
N MET D 310 -7.21 -11.32 -18.98
CA MET D 310 -6.61 -12.35 -18.15
C MET D 310 -5.10 -12.20 -18.19
N GLN D 311 -4.57 -11.89 -19.36
CA GLN D 311 -3.14 -11.63 -19.47
C GLN D 311 -2.77 -10.36 -18.69
N ARG D 312 -3.67 -9.38 -18.67
CA ARG D 312 -3.43 -8.11 -17.97
C ARG D 312 -3.36 -8.27 -16.43
N SER D 313 -4.28 -9.06 -15.86
CA SER D 313 -4.27 -9.31 -14.42
C SER D 313 -2.97 -9.94 -13.95
N ARG D 314 -2.39 -10.80 -14.81
CA ARG D 314 -1.13 -11.46 -14.50
C ARG D 314 0.02 -10.46 -14.59
N ASP D 315 -0.03 -9.65 -15.65
CA ASP D 315 0.92 -8.56 -15.87
C ASP D 315 0.94 -7.63 -14.65
N HIS D 316 -0.24 -7.37 -14.10
CA HIS D 316 -0.44 -6.52 -12.92
C HIS D 316 -0.19 -7.25 -11.61
N GLY D 317 0.12 -8.54 -11.70
CA GLY D 317 0.40 -9.38 -10.54
C GLY D 317 -0.78 -9.43 -9.60
N LEU D 318 -1.98 -9.58 -10.16
CA LEU D 318 -3.19 -9.58 -9.34
C LEU D 318 -3.45 -10.95 -8.74
N PRO D 319 -3.79 -10.99 -7.44
CA PRO D 319 -4.11 -12.28 -6.82
C PRO D 319 -5.31 -12.96 -7.50
N GLY D 320 -5.41 -14.27 -7.32
CA GLY D 320 -6.49 -15.05 -7.90
C GLY D 320 -7.84 -14.86 -7.25
N TYR D 321 -8.81 -15.61 -7.77
CA TYR D 321 -10.20 -15.50 -7.41
C TYR D 321 -10.45 -15.70 -5.91
N ASN D 322 -9.91 -16.77 -5.33
CA ASN D 322 -10.12 -17.03 -3.91
C ASN D 322 -9.56 -15.95 -2.99
N ALA D 323 -8.41 -15.39 -3.35
CA ALA D 323 -7.82 -14.29 -2.58
C ALA D 323 -8.75 -13.05 -2.51
N TRP D 324 -9.44 -12.75 -3.62
CA TRP D 324 -10.38 -11.63 -3.66
C TRP D 324 -11.68 -11.99 -2.94
N ARG D 325 -12.05 -13.26 -3.00
CA ARG D 325 -13.19 -13.75 -2.25
C ARG D 325 -12.94 -13.51 -0.76
N ARG D 326 -11.78 -13.93 -0.27
CA ARG D 326 -11.37 -13.77 1.13
C ARG D 326 -11.28 -12.30 1.52
N PHE D 327 -10.80 -11.47 0.60
CA PHE D 327 -10.74 -10.03 0.80
C PHE D 327 -12.15 -9.51 1.03
N CYS D 328 -13.10 -9.96 0.21
CA CYS D 328 -14.49 -9.53 0.28
C CYS D 328 -15.35 -10.22 1.37
N GLY D 329 -14.72 -11.07 2.18
CA GLY D 329 -15.41 -11.84 3.20
C GLY D 329 -16.34 -12.89 2.61
N LEU D 330 -16.02 -13.34 1.41
CA LEU D 330 -16.82 -14.35 0.71
C LEU D 330 -16.15 -15.73 0.84
N PRO D 331 -16.95 -16.79 1.06
CA PRO D 331 -16.34 -18.12 1.19
C PRO D 331 -15.52 -18.46 -0.06
N GLN D 332 -14.44 -19.22 0.13
CA GLN D 332 -13.58 -19.64 -0.97
C GLN D 332 -13.76 -21.14 -1.29
N PRO D 333 -14.46 -21.45 -2.41
CA PRO D 333 -14.55 -22.84 -2.85
C PRO D 333 -13.16 -23.42 -3.16
N GLU D 334 -12.87 -24.62 -2.66
CA GLU D 334 -11.57 -25.25 -2.88
C GLU D 334 -11.65 -26.48 -3.79
N THR D 335 -12.81 -27.14 -3.78
CA THR D 335 -13.04 -28.30 -4.64
C THR D 335 -13.97 -27.93 -5.80
N VAL D 336 -14.13 -28.84 -6.76
CA VAL D 336 -15.00 -28.59 -7.91
C VAL D 336 -16.48 -28.52 -7.52
N GLY D 337 -16.88 -29.33 -6.55
CA GLY D 337 -18.26 -29.35 -6.07
C GLY D 337 -18.59 -28.11 -5.29
N GLN D 338 -17.60 -27.56 -4.58
CA GLN D 338 -17.74 -26.30 -3.87
C GLN D 338 -17.88 -25.14 -4.86
N LEU D 339 -17.05 -25.14 -5.91
CA LEU D 339 -17.10 -24.11 -6.93
C LEU D 339 -18.42 -24.19 -7.70
N GLY D 340 -18.87 -25.42 -7.95
CA GLY D 340 -20.19 -25.67 -8.52
C GLY D 340 -21.33 -25.03 -7.72
N THR D 341 -21.30 -25.20 -6.39
CA THR D 341 -22.28 -24.62 -5.48
C THR D 341 -22.24 -23.08 -5.48
N VAL D 342 -21.04 -22.51 -5.43
CA VAL D 342 -20.83 -21.05 -5.43
C VAL D 342 -21.28 -20.40 -6.76
N LEU D 343 -20.96 -21.05 -7.87
CA LEU D 343 -21.40 -20.60 -9.18
C LEU D 343 -22.85 -21.01 -9.49
N ARG D 344 -23.42 -21.90 -8.66
CA ARG D 344 -24.71 -22.56 -8.92
C ARG D 344 -24.72 -23.14 -10.35
N ASN D 345 -23.58 -23.74 -10.72
CA ASN D 345 -23.34 -24.30 -12.05
C ASN D 345 -22.10 -25.20 -12.02
N LEU D 346 -22.34 -26.51 -11.95
CA LEU D 346 -21.30 -27.53 -11.87
C LEU D 346 -20.51 -27.69 -13.19
N LYS D 347 -21.24 -27.62 -14.30
CA LYS D 347 -20.68 -27.76 -15.61
C LYS D 347 -19.59 -26.70 -15.85
N LEU D 348 -19.85 -25.44 -15.50
CA LEU D 348 -18.86 -24.37 -15.61
C LEU D 348 -17.72 -24.50 -14.58
N ALA D 349 -18.04 -24.90 -13.35
CA ALA D 349 -17.01 -25.19 -12.34
C ALA D 349 -16.00 -26.19 -12.88
N ARG D 350 -16.51 -27.23 -13.53
CA ARG D 350 -15.66 -28.26 -14.12
C ARG D 350 -14.71 -27.68 -15.16
N LYS D 351 -15.26 -26.90 -16.11
CA LYS D 351 -14.47 -26.25 -17.16
C LYS D 351 -13.36 -25.40 -16.56
N LEU D 352 -13.67 -24.70 -15.47
CA LEU D 352 -12.70 -23.86 -14.75
C LEU D 352 -11.61 -24.70 -14.05
N MET D 353 -12.01 -25.81 -13.43
CA MET D 353 -11.07 -26.75 -12.83
C MET D 353 -10.19 -27.41 -13.88
N GLU D 354 -10.74 -27.66 -15.06
CA GLU D 354 -9.95 -28.25 -16.13
C GLU D 354 -8.88 -27.27 -16.58
N GLN D 355 -9.23 -25.98 -16.61
CA GLN D 355 -8.31 -24.94 -17.05
C GLN D 355 -7.27 -24.62 -16.00
N TYR D 356 -7.76 -24.26 -14.81
CA TYR D 356 -6.92 -23.69 -13.75
C TYR D 356 -6.42 -24.68 -12.71
N GLY D 357 -7.06 -25.85 -12.59
CA GLY D 357 -6.59 -26.90 -11.67
C GLY D 357 -7.04 -26.73 -10.23
N THR D 358 -7.26 -25.47 -9.82
CA THR D 358 -7.74 -25.10 -8.50
C THR D 358 -8.48 -23.77 -8.63
N PRO D 359 -9.48 -23.52 -7.78
CA PRO D 359 -10.12 -22.19 -7.86
C PRO D 359 -9.19 -21.05 -7.45
N ASN D 360 -8.13 -21.36 -6.70
CA ASN D 360 -7.17 -20.33 -6.27
C ASN D 360 -6.52 -19.58 -7.43
N ASN D 361 -6.39 -20.28 -8.55
CA ASN D 361 -5.68 -19.78 -9.74
C ASN D 361 -6.53 -19.05 -10.79
N ILE D 362 -7.86 -19.08 -10.65
CA ILE D 362 -8.76 -18.39 -11.58
C ILE D 362 -8.47 -16.87 -11.59
N ASP D 363 -8.25 -16.32 -12.78
CA ASP D 363 -7.96 -14.90 -12.95
C ASP D 363 -9.20 -14.11 -12.55
N ILE D 364 -8.96 -12.99 -11.87
CA ILE D 364 -10.04 -12.16 -11.29
C ILE D 364 -11.21 -11.86 -12.22
N TRP D 365 -10.94 -11.48 -13.46
CA TRP D 365 -12.01 -11.20 -14.40
C TRP D 365 -12.86 -12.44 -14.73
N MET D 366 -12.20 -13.55 -15.06
CA MET D 366 -12.87 -14.80 -15.39
C MET D 366 -13.74 -15.28 -14.22
N GLY D 367 -13.14 -15.41 -13.03
CA GLY D 367 -13.88 -15.77 -11.83
C GLY D 367 -15.00 -14.80 -11.50
N GLY D 368 -14.71 -13.51 -11.63
CA GLY D 368 -15.71 -12.47 -11.41
C GLY D 368 -16.91 -12.52 -12.35
N VAL D 369 -16.67 -12.63 -13.66
CA VAL D 369 -17.79 -12.62 -14.63
C VAL D 369 -18.55 -13.93 -14.68
N SER D 370 -17.94 -14.99 -14.15
CA SER D 370 -18.54 -16.32 -14.13
C SER D 370 -19.62 -16.46 -13.04
N GLU D 371 -19.54 -15.64 -11.99
CA GLU D 371 -20.47 -15.75 -10.87
C GLU D 371 -21.89 -15.33 -11.28
N PRO D 372 -22.92 -16.04 -10.77
CA PRO D 372 -24.30 -15.68 -11.12
C PRO D 372 -24.64 -14.27 -10.65
N LEU D 373 -25.39 -13.55 -11.46
CA LEU D 373 -25.76 -12.16 -11.20
C LEU D 373 -26.68 -12.07 -10.01
N LYS D 374 -26.58 -10.97 -9.27
CA LYS D 374 -27.43 -10.72 -8.13
C LYS D 374 -28.76 -10.22 -8.66
N ARG D 375 -29.82 -10.41 -7.88
CA ARG D 375 -31.14 -9.94 -8.34
C ARG D 375 -31.16 -8.44 -8.57
N LYS D 376 -31.82 -8.06 -9.67
CA LYS D 376 -31.91 -6.68 -10.16
C LYS D 376 -30.55 -6.04 -10.38
N GLY D 377 -29.51 -6.89 -10.41
CA GLY D 377 -28.13 -6.45 -10.65
C GLY D 377 -27.55 -7.17 -11.84
N ARG D 378 -26.35 -6.75 -12.26
CA ARG D 378 -25.66 -7.34 -13.42
C ARG D 378 -24.19 -7.78 -13.16
N VAL D 379 -23.82 -7.89 -11.88
CA VAL D 379 -22.58 -8.56 -11.45
C VAL D 379 -22.88 -9.54 -10.31
N GLY D 380 -21.97 -10.47 -10.05
CA GLY D 380 -22.10 -11.39 -8.92
C GLY D 380 -21.51 -10.79 -7.66
N PRO D 381 -21.55 -11.53 -6.53
CA PRO D 381 -21.11 -10.99 -5.24
C PRO D 381 -19.65 -10.50 -5.18
N LEU D 382 -18.73 -11.16 -5.89
CA LEU D 382 -17.33 -10.73 -5.87
C LEU D 382 -17.15 -9.38 -6.59
N LEU D 383 -17.67 -9.27 -7.82
CA LEU D 383 -17.58 -8.03 -8.57
C LEU D 383 -18.34 -6.92 -7.87
N ALA D 384 -19.52 -7.24 -7.34
CA ALA D 384 -20.32 -6.29 -6.58
C ALA D 384 -19.48 -5.64 -5.49
N CYS D 385 -18.70 -6.46 -4.80
CA CYS D 385 -17.86 -6.03 -3.68
C CYS D 385 -16.75 -5.11 -4.18
N ILE D 386 -16.02 -5.57 -5.19
CA ILE D 386 -14.92 -4.78 -5.74
C ILE D 386 -15.42 -3.45 -6.33
N ILE D 387 -16.37 -3.55 -7.27
CA ILE D 387 -16.98 -2.37 -7.88
C ILE D 387 -17.60 -1.45 -6.80
N GLY D 388 -18.37 -2.03 -5.88
CA GLY D 388 -19.05 -1.27 -4.85
C GLY D 388 -18.13 -0.48 -3.93
N THR D 389 -17.08 -1.16 -3.45
CA THR D 389 -16.05 -0.58 -2.59
C THR D 389 -15.35 0.60 -3.28
N GLN D 390 -15.07 0.45 -4.58
CA GLN D 390 -14.33 1.46 -5.31
C GLN D 390 -15.10 2.76 -5.40
N PHE D 391 -16.39 2.65 -5.72
CA PHE D 391 -17.22 3.84 -5.90
C PHE D 391 -17.59 4.54 -4.59
N ARG D 392 -17.64 3.79 -3.48
CA ARG D 392 -17.82 4.39 -2.15
C ARG D 392 -16.60 5.25 -1.80
N LYS D 393 -15.41 4.76 -2.11
CA LYS D 393 -14.18 5.51 -1.85
C LYS D 393 -14.07 6.73 -2.75
N LEU D 394 -14.53 6.59 -4.00
CA LEU D 394 -14.53 7.68 -4.98
C LEU D 394 -15.55 8.77 -4.62
N ARG D 395 -16.59 8.37 -3.88
CA ARG D 395 -17.60 9.31 -3.39
C ARG D 395 -17.19 9.96 -2.08
N ASP D 396 -16.98 9.16 -1.05
CA ASP D 396 -16.66 9.64 0.30
C ASP D 396 -15.30 10.37 0.42
N GLY D 397 -14.40 10.16 -0.55
CA GLY D 397 -13.05 10.72 -0.52
C GLY D 397 -12.81 11.77 -1.59
N ASP D 398 -13.90 12.36 -2.06
CA ASP D 398 -13.87 13.45 -3.01
C ASP D 398 -14.33 14.70 -2.27
N ARG D 399 -13.46 15.70 -2.20
CA ARG D 399 -13.76 16.99 -1.56
C ARG D 399 -14.79 17.77 -2.38
N PHE D 400 -14.78 17.55 -3.69
CA PHE D 400 -15.61 18.28 -4.64
C PHE D 400 -16.86 17.49 -5.04
N TRP D 401 -17.23 16.51 -4.21
CA TRP D 401 -18.47 15.78 -4.42
C TRP D 401 -19.65 16.76 -4.39
N TRP D 402 -20.51 16.66 -5.40
CA TRP D 402 -21.61 17.60 -5.61
C TRP D 402 -22.49 17.79 -4.37
N GLU D 403 -22.58 16.76 -3.54
CA GLU D 403 -23.38 16.83 -2.31
C GLU D 403 -22.60 17.34 -1.08
N ASN D 404 -21.27 17.41 -1.19
CA ASN D 404 -20.44 17.93 -0.10
C ASN D 404 -20.73 19.42 0.09
N GLU D 405 -20.80 19.85 1.35
CA GLU D 405 -21.10 21.25 1.69
C GLU D 405 -20.08 22.22 1.08
N GLY D 406 -20.58 23.35 0.57
CA GLY D 406 -19.74 24.44 0.02
C GLY D 406 -19.31 24.24 -1.43
N VAL D 407 -19.54 23.05 -1.96
CA VAL D 407 -19.24 22.77 -3.37
C VAL D 407 -20.28 23.47 -4.22
N PHE D 408 -21.56 23.21 -3.91
CA PHE D 408 -22.70 23.92 -4.45
C PHE D 408 -23.54 24.52 -3.30
N SER D 409 -24.39 25.49 -3.62
CA SER D 409 -25.39 26.01 -2.66
C SER D 409 -26.56 25.03 -2.56
N MET D 410 -27.47 25.27 -1.62
CA MET D 410 -28.63 24.39 -1.44
C MET D 410 -29.54 24.40 -2.68
N GLN D 411 -29.80 25.60 -3.22
CA GLN D 411 -30.64 25.73 -4.41
C GLN D 411 -29.97 25.22 -5.70
N GLN D 412 -28.63 25.25 -5.75
CA GLN D 412 -27.90 24.64 -6.88
C GLN D 412 -28.01 23.10 -6.86
N ARG D 413 -27.88 22.52 -5.66
CA ARG D 413 -28.01 21.06 -5.45
C ARG D 413 -29.40 20.57 -5.80
N GLN D 414 -30.40 21.36 -5.41
CA GLN D 414 -31.79 21.10 -5.72
C GLN D 414 -32.02 21.14 -7.25
N ALA D 415 -31.41 22.11 -7.94
CA ALA D 415 -31.54 22.24 -9.39
C ALA D 415 -30.85 21.09 -10.14
N LEU D 416 -29.65 20.71 -9.69
CA LEU D 416 -28.88 19.61 -10.29
C LEU D 416 -29.59 18.26 -10.16
N ALA D 417 -30.28 18.05 -9.05
CA ALA D 417 -31.05 16.83 -8.77
C ALA D 417 -32.12 16.49 -9.82
N GLN D 418 -32.41 17.45 -10.69
CA GLN D 418 -33.40 17.32 -11.76
C GLN D 418 -32.79 16.94 -13.12
N ILE D 419 -31.45 16.81 -13.18
CA ILE D 419 -30.80 16.41 -14.44
C ILE D 419 -31.01 14.93 -14.75
N SER D 420 -30.79 14.57 -16.01
CA SER D 420 -30.82 13.20 -16.48
C SER D 420 -30.09 13.15 -17.80
N LEU D 421 -29.57 11.97 -18.14
CA LEU D 421 -28.95 11.78 -19.45
C LEU D 421 -29.95 12.04 -20.58
N PRO D 422 -31.20 11.50 -20.51
CA PRO D 422 -32.18 11.80 -21.58
C PRO D 422 -32.32 13.32 -21.85
N ARG D 423 -32.47 14.10 -20.79
CA ARG D 423 -32.56 15.55 -20.91
C ARG D 423 -31.32 16.17 -21.58
N ILE D 424 -30.14 15.64 -21.27
CA ILE D 424 -28.92 16.11 -21.94
C ILE D 424 -28.97 15.84 -23.45
N ILE D 425 -29.51 14.68 -23.83
CA ILE D 425 -29.67 14.32 -25.24
C ILE D 425 -30.67 15.28 -25.91
N CYS D 426 -31.78 15.54 -25.22
CA CYS D 426 -32.75 16.55 -25.63
C CYS D 426 -32.11 17.92 -25.85
N ASP D 427 -31.20 18.30 -24.94
CA ASP D 427 -30.56 19.63 -24.96
C ASP D 427 -29.36 19.80 -25.91
N ASN D 428 -28.92 18.73 -26.58
CA ASN D 428 -27.66 18.77 -27.33
C ASN D 428 -27.63 17.99 -28.64
N THR D 429 -28.79 17.51 -29.09
CA THR D 429 -28.88 16.77 -30.35
C THR D 429 -30.17 17.10 -31.12
N GLY D 430 -30.34 16.47 -32.29
CA GLY D 430 -31.57 16.56 -33.05
C GLY D 430 -32.60 15.50 -32.69
N ILE D 431 -32.52 14.99 -31.46
CA ILE D 431 -33.43 13.94 -30.97
C ILE D 431 -34.51 14.55 -30.09
N THR D 432 -35.78 14.30 -30.45
CA THR D 432 -36.92 14.92 -29.77
C THR D 432 -37.76 13.94 -28.93
N THR D 433 -37.47 12.64 -29.07
CA THR D 433 -38.10 11.58 -28.27
C THR D 433 -37.02 10.65 -27.70
N VAL D 434 -36.99 10.55 -26.37
CA VAL D 434 -35.93 9.83 -25.65
C VAL D 434 -36.51 8.86 -24.61
N SER D 435 -35.64 8.06 -23.99
CA SER D 435 -36.03 7.04 -23.00
C SER D 435 -36.62 7.65 -21.73
N LYS D 436 -37.57 6.93 -21.13
CA LYS D 436 -38.04 7.27 -19.79
C LYS D 436 -36.93 6.93 -18.81
N ASN D 437 -36.81 7.73 -17.75
CA ASN D 437 -35.99 7.36 -16.61
C ASN D 437 -36.52 6.00 -16.12
N ASN D 438 -35.67 4.98 -15.91
CA ASN D 438 -34.22 5.02 -15.98
C ASN D 438 -33.73 4.63 -17.37
N ILE D 439 -32.93 5.49 -18.00
CA ILE D 439 -32.39 5.27 -19.34
C ILE D 439 -31.70 3.91 -19.49
N PHE D 440 -31.06 3.44 -18.41
CA PHE D 440 -30.28 2.20 -18.44
C PHE D 440 -31.17 0.95 -18.37
N MET D 441 -32.44 1.13 -18.05
CA MET D 441 -33.40 0.03 -18.03
C MET D 441 -34.24 0.04 -19.32
N SER D 442 -34.80 1.22 -19.63
CA SER D 442 -35.62 1.44 -20.83
C SER D 442 -34.86 1.04 -22.07
N ASN D 443 -35.46 0.21 -22.92
CA ASN D 443 -34.81 -0.25 -24.16
C ASN D 443 -35.75 -0.59 -25.32
N SER D 444 -37.06 -0.50 -25.08
CA SER D 444 -38.06 -0.88 -26.09
C SER D 444 -38.87 0.31 -26.59
N TYR D 445 -38.66 0.67 -27.85
CA TYR D 445 -39.43 1.74 -28.50
C TYR D 445 -40.75 1.17 -29.07
N PRO D 446 -41.88 1.88 -28.84
CA PRO D 446 -42.01 3.16 -28.16
C PRO D 446 -42.43 3.03 -26.70
N ARG D 447 -42.56 1.81 -26.21
CA ARG D 447 -43.04 1.53 -24.84
C ARG D 447 -42.32 2.38 -23.79
N ASP D 448 -40.99 2.44 -23.91
CA ASP D 448 -40.16 3.06 -22.90
C ASP D 448 -39.68 4.46 -23.32
N PHE D 449 -40.53 5.19 -24.04
CA PHE D 449 -40.12 6.49 -24.61
C PHE D 449 -41.15 7.63 -24.42
N VAL D 450 -40.62 8.83 -24.17
CA VAL D 450 -41.40 10.04 -23.98
C VAL D 450 -40.82 11.15 -24.86
N ASN D 451 -41.56 12.25 -25.00
CA ASN D 451 -41.06 13.42 -25.72
C ASN D 451 -40.25 14.33 -24.84
N CYS D 452 -39.24 14.96 -25.44
CA CYS D 452 -38.35 15.90 -24.76
C CYS D 452 -39.09 17.03 -24.05
N SER D 453 -40.27 17.37 -24.56
CA SER D 453 -41.12 18.44 -24.02
C SER D 453 -41.64 18.12 -22.60
N THR D 454 -41.75 16.84 -22.28
CA THR D 454 -42.26 16.43 -20.97
C THR D 454 -41.20 16.59 -19.87
N LEU D 455 -39.92 16.55 -20.27
CA LEU D 455 -38.80 16.60 -19.33
C LEU D 455 -38.37 18.04 -19.05
N PRO D 456 -38.44 18.47 -17.77
CA PRO D 456 -37.97 19.83 -17.44
C PRO D 456 -36.48 19.96 -17.73
N ALA D 457 -36.07 21.07 -18.36
CA ALA D 457 -34.66 21.36 -18.59
C ALA D 457 -34.05 21.96 -17.31
N LEU D 458 -32.72 21.91 -17.20
CA LEU D 458 -32.00 22.39 -16.01
C LEU D 458 -32.14 23.90 -15.79
N ASN D 459 -32.51 24.25 -14.56
CA ASN D 459 -32.69 25.63 -14.11
C ASN D 459 -31.38 26.22 -13.59
N LEU D 460 -30.84 27.19 -14.34
CA LEU D 460 -29.58 27.83 -13.93
C LEU D 460 -29.78 29.07 -13.07
N ALA D 461 -30.98 29.23 -12.50
CA ALA D 461 -31.33 30.44 -11.73
C ALA D 461 -30.42 30.69 -10.54
N SER D 462 -30.12 29.64 -9.78
CA SER D 462 -29.30 29.77 -8.58
C SER D 462 -27.81 29.97 -8.88
N TRP D 463 -27.47 30.13 -10.16
CA TRP D 463 -26.12 30.46 -10.62
C TRP D 463 -25.99 31.96 -10.95
N ARG D 464 -27.08 32.71 -10.83
CA ARG D 464 -27.05 34.16 -11.04
C ARG D 464 -26.34 34.83 -9.87
N GLU D 465 -25.27 35.54 -10.17
CA GLU D 465 -24.47 36.24 -9.17
C GLU D 465 -25.18 37.49 -8.62
N ALA D 466 -25.74 38.31 -9.51
CA ALA D 466 -26.51 39.51 -9.17
C ALA D 466 -25.85 40.44 -8.14
#